data_6HR2
#
_entry.id   6HR2
#
_cell.length_a   60.332
_cell.length_b   61.678
_cell.length_c   81.603
_cell.angle_alpha   69.430
_cell.angle_beta   83.380
_cell.angle_gamma   86.420
#
_symmetry.space_group_name_H-M   'P 1'
#
loop_
_entity.id
_entity.type
_entity.pdbx_description
1 polymer 'Transcription activator BRG1'
2 polymer 'von Hippel-Lindau disease tumor suppressor'
3 polymer Elongin-C
4 polymer Elongin-B
5 non-polymer (2~{S},4~{R})-~{N}-[[2-[2-[4-[[4-[3-azanyl-6-(2-hydroxyphenyl)pyridazin-4-yl]piperazin-1-yl]methyl]phenyl]ethoxy]-4-(4-methyl-1,3-thiazol-5-yl)phenyl]methyl]-1-[(2~{S})-2-[(1-fluoranylcyclopropyl)carbonylamino]-3,3-dimethyl-butanoyl]-4-oxidanyl-pyrrolidine-2-carboxamide
6 non-polymer 'DIMETHYL SULFOXIDE'
7 non-polymer 1,2-ETHANEDIOL
8 water water
#
loop_
_entity_poly.entity_id
_entity_poly.type
_entity_poly.pdbx_seq_one_letter_code
_entity_poly.pdbx_strand_id
1 'polypeptide(L)'
;EKLSPNPPNLTKKMKKIVDAVIKYKDSSSGRQLSEVFIQLPSRKELPEYYELIRKPVDFKKIKERIRNHKYRSLNDLEKD
VMLLCQNAQTFNLEGSLIYEDSIVLQSVFTSVRQKIEKED
;
A,E
2 'polypeptide(L)'
;PVLRSVNSREPSQVIFCNRSPRVVLPVWLNFDGEPQPYPTLPPGTGRRIHSYRGHLWLFRDAGTHDGLLVNQTELFVPSL
NVDGQPIFANITLPVYTLKERCLQVVRSLVKPENYRRLDIVRSLYEDLEDHPNVQKDLERLTQERIAHQ
;
B,F
3 'polypeptide(L)'
;MMYVKLISSDGHEFIVKREHALTSGTIKAMLSGPGQFAENETNEVNFREIPSHVLSKVCMYFTYKVRYTNSSTEIPEFPI
APEIALELLMAANFLDC
;
C,G
4 'polypeptide(L)'
;MDVFLMIRRHKTTIFTDAKESSTVFELKRIVEGILKRPPDEQRLYKDDQLLDDGKTLGECGFTSQTARPQAPATVGLAFR
ADDTFEALCIEPFSSPPELPDVMK
;
D,H
#
loop_
_chem_comp.id
_chem_comp.type
_chem_comp.name
_chem_comp.formula
DMS non-polymer 'DIMETHYL SULFOXIDE' 'C2 H6 O S'
EDO non-polymer 1,2-ETHANEDIOL 'C2 H6 O2'
FWZ non-polymer (2~{S},4~{R})-~{N}-[[2-[2-[4-[[4-[3-azanyl-6-(2-hydroxyphenyl)pyridazin-4-yl]piperazin-1-yl]methyl]phenyl]ethoxy]-4-(4-methyl-1,3-thiazol-5-yl)phenyl]methyl]-1-[(2~{S})-2-[(1-fluoranylcyclopropyl)carbonylamino]-3,3-dimethyl-butanoyl]-4-oxidanyl-pyrrolidine-2-carboxamide 'C49 H58 F N9 O6 S'
#
# COMPACT_ATOMS: atom_id res chain seq x y z
N SER A 4 31.73 -14.75 -51.61
CA SER A 4 31.19 -15.71 -52.58
C SER A 4 29.74 -16.07 -52.22
N PRO A 5 28.79 -16.11 -53.20
CA PRO A 5 27.39 -16.45 -52.84
C PRO A 5 27.14 -17.88 -52.33
N ASN A 6 26.10 -18.03 -51.52
CA ASN A 6 25.67 -19.32 -50.97
C ASN A 6 24.59 -19.89 -51.88
N PRO A 7 24.27 -21.21 -51.81
CA PRO A 7 23.18 -21.74 -52.65
C PRO A 7 21.83 -21.06 -52.33
N PRO A 8 20.94 -20.82 -53.31
CA PRO A 8 19.67 -20.12 -53.01
C PRO A 8 18.82 -20.78 -51.91
N ASN A 9 18.81 -22.12 -51.85
CA ASN A 9 18.05 -22.88 -50.84
C ASN A 9 18.60 -22.61 -49.43
N LEU A 10 19.92 -22.43 -49.29
CA LEU A 10 20.55 -22.15 -48.00
C LEU A 10 20.15 -20.77 -47.49
N THR A 11 20.29 -19.73 -48.34
CA THR A 11 19.93 -18.35 -47.99
C THR A 11 18.42 -18.21 -47.65
N LYS A 12 17.53 -18.96 -48.33
CA LYS A 12 16.08 -18.87 -48.04
C LYS A 12 15.78 -19.52 -46.68
N LYS A 13 16.40 -20.68 -46.36
CA LYS A 13 16.22 -21.35 -45.06
C LYS A 13 16.67 -20.42 -43.92
N MET A 14 17.80 -19.71 -44.09
CA MET A 14 18.30 -18.76 -43.09
C MET A 14 17.28 -17.63 -42.85
N LYS A 15 16.73 -17.05 -43.94
CA LYS A 15 15.73 -15.97 -43.87
C LYS A 15 14.44 -16.45 -43.19
N LYS A 16 13.97 -17.67 -43.52
CA LYS A 16 12.75 -18.23 -42.91
C LYS A 16 12.92 -18.46 -41.40
N ILE A 17 14.09 -18.96 -40.94
CA ILE A 17 14.31 -19.21 -39.52
C ILE A 17 14.37 -17.89 -38.75
N VAL A 18 15.18 -16.92 -39.24
CA VAL A 18 15.32 -15.63 -38.57
C VAL A 18 13.99 -14.86 -38.55
N ASP A 19 13.18 -14.93 -39.63
CA ASP A 19 11.88 -14.24 -39.66
C ASP A 19 10.94 -14.83 -38.60
N ALA A 20 10.89 -16.17 -38.47
CA ALA A 20 10.04 -16.83 -37.48
C ALA A 20 10.47 -16.54 -36.04
N VAL A 21 11.80 -16.42 -35.78
CA VAL A 21 12.31 -16.09 -34.44
C VAL A 21 12.00 -14.61 -34.15
N ILE A 22 12.15 -13.73 -35.15
CA ILE A 22 11.85 -12.30 -35.00
C ILE A 22 10.33 -12.10 -34.78
N LYS A 23 9.50 -12.74 -35.60
CA LYS A 23 8.05 -12.58 -35.50
C LYS A 23 7.40 -13.40 -34.36
N TYR A 24 8.15 -14.28 -33.67
CA TYR A 24 7.59 -15.08 -32.57
C TYR A 24 6.96 -14.20 -31.49
N LYS A 25 5.76 -14.60 -31.01
CA LYS A 25 5.02 -13.90 -29.98
C LYS A 25 4.71 -14.87 -28.84
N ASP A 26 4.53 -14.35 -27.62
CA ASP A 26 4.20 -15.18 -26.46
C ASP A 26 2.79 -15.74 -26.62
N SER A 27 2.57 -17.00 -26.20
CA SER A 27 1.28 -17.69 -26.36
C SER A 27 0.11 -17.05 -25.59
N SER A 28 0.37 -16.45 -24.41
CA SER A 28 -0.68 -15.85 -23.59
C SER A 28 -0.81 -14.32 -23.77
N SER A 29 0.31 -13.58 -23.78
CA SER A 29 0.30 -12.11 -23.89
C SER A 29 0.42 -11.54 -25.31
N GLY A 30 0.96 -12.31 -26.25
CA GLY A 30 1.12 -11.86 -27.64
C GLY A 30 2.24 -10.86 -27.86
N ARG A 31 3.19 -10.74 -26.90
CA ARG A 31 4.31 -9.79 -27.01
C ARG A 31 5.41 -10.37 -27.91
N GLN A 32 5.94 -9.55 -28.84
CA GLN A 32 7.03 -9.96 -29.73
C GLN A 32 8.33 -9.95 -28.91
N LEU A 33 8.84 -11.14 -28.52
CA LEU A 33 10.02 -11.24 -27.65
C LEU A 33 11.32 -10.66 -28.23
N SER A 34 11.46 -10.66 -29.56
CA SER A 34 12.67 -10.16 -30.22
C SER A 34 12.80 -8.64 -30.29
N GLU A 35 11.71 -7.87 -30.04
CA GLU A 35 11.71 -6.41 -30.24
C GLU A 35 12.90 -5.69 -29.60
N VAL A 36 13.27 -6.04 -28.36
CA VAL A 36 14.42 -5.40 -27.69
C VAL A 36 15.77 -5.78 -28.37
N PHE A 37 15.81 -6.97 -29.00
CA PHE A 37 17.01 -7.51 -29.64
C PHE A 37 17.21 -7.11 -31.11
N ILE A 38 16.27 -6.37 -31.74
CA ILE A 38 16.38 -5.99 -33.17
C ILE A 38 17.60 -5.13 -33.43
N GLN A 39 17.78 -4.09 -32.61
CA GLN A 39 18.86 -3.13 -32.76
C GLN A 39 19.60 -2.97 -31.44
N LEU A 40 20.93 -3.04 -31.49
CA LEU A 40 21.83 -2.86 -30.35
C LEU A 40 21.59 -1.46 -29.81
N PRO A 41 21.68 -1.19 -28.49
CA PRO A 41 21.60 0.21 -28.07
C PRO A 41 22.84 0.92 -28.62
N SER A 42 22.80 2.23 -28.83
CA SER A 42 23.98 2.92 -29.36
C SER A 42 25.14 2.90 -28.33
N ARG A 43 26.37 3.13 -28.83
CA ARG A 43 27.59 3.18 -28.02
C ARG A 43 27.54 4.38 -27.06
N LYS A 44 26.83 5.45 -27.46
CA LYS A 44 26.63 6.64 -26.61
C LYS A 44 25.54 6.34 -25.58
N GLU A 45 24.43 5.70 -25.98
CA GLU A 45 23.32 5.34 -25.08
C GLU A 45 23.78 4.44 -23.93
N LEU A 46 24.58 3.41 -24.24
CA LEU A 46 24.99 2.42 -23.25
C LEU A 46 26.43 1.93 -23.46
N PRO A 47 27.45 2.75 -23.10
CA PRO A 47 28.84 2.30 -23.26
C PRO A 47 29.22 1.11 -22.37
N GLU A 48 28.52 0.92 -21.23
CA GLU A 48 28.75 -0.20 -20.30
C GLU A 48 28.50 -1.55 -20.99
N TYR A 49 27.60 -1.58 -22.00
CA TYR A 49 27.35 -2.80 -22.76
C TYR A 49 28.62 -3.17 -23.57
N TYR A 50 29.24 -2.16 -24.21
CA TYR A 50 30.43 -2.36 -25.04
C TYR A 50 31.69 -2.62 -24.22
N GLU A 51 31.74 -2.16 -22.96
CA GLU A 51 32.87 -2.44 -22.07
C GLU A 51 32.92 -3.94 -21.74
N LEU A 52 31.74 -4.57 -21.60
CA LEU A 52 31.61 -5.98 -21.23
C LEU A 52 31.52 -6.93 -22.41
N ILE A 53 30.73 -6.57 -23.43
CA ILE A 53 30.50 -7.44 -24.59
C ILE A 53 31.52 -7.16 -25.70
N ARG A 54 32.40 -8.15 -25.94
CA ARG A 54 33.47 -8.05 -26.94
C ARG A 54 32.94 -8.16 -28.37
N LYS A 55 31.98 -9.06 -28.62
CA LYS A 55 31.40 -9.29 -29.94
C LYS A 55 29.92 -8.94 -29.94
N PRO A 56 29.58 -7.63 -29.92
CA PRO A 56 28.16 -7.25 -29.91
C PRO A 56 27.46 -7.61 -31.22
N VAL A 57 26.22 -8.08 -31.14
CA VAL A 57 25.45 -8.48 -32.31
C VAL A 57 23.95 -8.32 -32.03
N ASP A 58 23.18 -7.97 -33.07
CA ASP A 58 21.73 -7.79 -33.00
C ASP A 58 21.09 -8.46 -34.21
N PHE A 59 19.75 -8.59 -34.22
CA PHE A 59 19.06 -9.23 -35.35
C PHE A 59 19.24 -8.47 -36.68
N LYS A 60 19.52 -7.14 -36.61
CA LYS A 60 19.82 -6.34 -37.79
C LYS A 60 21.13 -6.85 -38.42
N LYS A 61 22.21 -7.06 -37.61
CA LYS A 61 23.49 -7.58 -38.12
C LYS A 61 23.37 -9.03 -38.61
N ILE A 62 22.48 -9.83 -37.97
CA ILE A 62 22.27 -11.22 -38.39
C ILE A 62 21.64 -11.25 -39.79
N LYS A 63 20.59 -10.44 -40.03
CA LYS A 63 19.94 -10.36 -41.36
C LYS A 63 20.93 -9.85 -42.43
N GLU A 64 21.80 -8.89 -42.08
CA GLU A 64 22.82 -8.36 -42.98
C GLU A 64 23.83 -9.47 -43.33
N ARG A 65 24.22 -10.27 -42.34
CA ARG A 65 25.16 -11.39 -42.52
C ARG A 65 24.58 -12.51 -43.40
N ILE A 66 23.24 -12.69 -43.38
CA ILE A 66 22.57 -13.67 -44.27
C ILE A 66 22.66 -13.12 -45.70
N ARG A 67 22.27 -11.84 -45.90
CA ARG A 67 22.29 -11.17 -47.21
C ARG A 67 23.69 -11.13 -47.83
N ASN A 68 24.74 -10.85 -47.03
CA ASN A 68 26.13 -10.78 -47.52
C ASN A 68 26.86 -12.15 -47.55
N HIS A 69 26.17 -13.28 -47.26
CA HIS A 69 26.75 -14.63 -47.29
C HIS A 69 27.90 -14.87 -46.31
N LYS A 70 27.94 -14.11 -45.19
CA LYS A 70 29.00 -14.30 -44.19
C LYS A 70 28.82 -15.66 -43.49
N TYR A 71 27.55 -16.11 -43.32
CA TYR A 71 27.25 -17.44 -42.77
C TYR A 71 27.32 -18.42 -43.94
N ARG A 72 28.09 -19.49 -43.79
CA ARG A 72 28.24 -20.51 -44.83
C ARG A 72 27.37 -21.75 -44.56
N SER A 73 26.57 -21.74 -43.47
CA SER A 73 25.72 -22.87 -43.10
C SER A 73 24.69 -22.45 -42.03
N LEU A 74 23.75 -23.37 -41.72
CA LEU A 74 22.74 -23.16 -40.67
C LEU A 74 23.42 -23.07 -39.29
N ASN A 75 24.58 -23.72 -39.11
CA ASN A 75 25.34 -23.70 -37.86
C ASN A 75 26.03 -22.36 -37.62
N ASP A 76 26.54 -21.70 -38.69
CA ASP A 76 27.18 -20.37 -38.58
C ASP A 76 26.14 -19.35 -38.14
N LEU A 77 24.91 -19.45 -38.71
CA LEU A 77 23.79 -18.58 -38.33
C LEU A 77 23.44 -18.82 -36.86
N GLU A 78 23.27 -20.10 -36.46
CA GLU A 78 22.93 -20.50 -35.09
C GLU A 78 23.97 -19.94 -34.10
N LYS A 79 25.27 -20.02 -34.43
CA LYS A 79 26.33 -19.48 -33.57
C LYS A 79 26.11 -18.00 -33.25
N ASP A 80 25.76 -17.19 -34.27
CA ASP A 80 25.49 -15.76 -34.05
C ASP A 80 24.18 -15.49 -33.28
N VAL A 81 23.15 -16.37 -33.40
CA VAL A 81 21.90 -16.20 -32.63
C VAL A 81 22.17 -16.58 -31.16
N MET A 82 22.97 -17.63 -30.92
CA MET A 82 23.33 -18.04 -29.55
C MET A 82 24.25 -16.97 -28.93
N LEU A 83 25.14 -16.36 -29.73
CA LEU A 83 26.04 -15.29 -29.25
C LEU A 83 25.19 -14.10 -28.79
N LEU A 84 24.21 -13.70 -29.61
CA LEU A 84 23.29 -12.60 -29.28
C LEU A 84 22.62 -12.86 -27.92
N CYS A 85 22.02 -14.05 -27.78
CA CYS A 85 21.29 -14.44 -26.58
C CYS A 85 22.22 -14.57 -25.37
N GLN A 86 23.42 -15.10 -25.56
CA GLN A 86 24.39 -15.20 -24.46
C GLN A 86 24.85 -13.79 -24.05
N ASN A 87 25.06 -12.88 -25.02
CA ASN A 87 25.47 -11.49 -24.70
C ASN A 87 24.42 -10.81 -23.82
N ALA A 88 23.13 -10.96 -24.18
CA ALA A 88 22.02 -10.39 -23.41
C ALA A 88 21.96 -11.01 -22.01
N GLN A 89 22.24 -12.31 -21.88
CA GLN A 89 22.23 -12.98 -20.57
C GLN A 89 23.38 -12.51 -19.70
N THR A 90 24.58 -12.44 -20.26
CA THR A 90 25.79 -11.98 -19.56
C THR A 90 25.65 -10.54 -19.09
N PHE A 91 25.12 -9.65 -19.95
CA PHE A 91 24.97 -8.25 -19.57
C PHE A 91 23.89 -8.06 -18.51
N ASN A 92 22.69 -8.57 -18.75
CA ASN A 92 21.53 -8.32 -17.88
C ASN A 92 21.40 -9.23 -16.67
N LEU A 93 21.94 -10.47 -16.74
CA LEU A 93 21.95 -11.44 -15.63
C LEU A 93 20.56 -12.01 -15.32
N GLU A 94 20.54 -13.16 -14.62
CA GLU A 94 19.31 -13.85 -14.22
C GLU A 94 18.40 -12.92 -13.41
N GLY A 95 17.09 -13.18 -13.50
CA GLY A 95 16.07 -12.38 -12.81
C GLY A 95 15.51 -11.26 -13.67
N SER A 96 16.19 -10.92 -14.80
CA SER A 96 15.72 -9.87 -15.70
C SER A 96 14.82 -10.50 -16.78
N LEU A 97 13.78 -9.78 -17.22
CA LEU A 97 12.84 -10.28 -18.23
C LEU A 97 13.57 -10.53 -19.55
N ILE A 98 14.50 -9.62 -19.91
CA ILE A 98 15.33 -9.73 -21.11
C ILE A 98 16.17 -11.02 -21.09
N TYR A 99 16.70 -11.43 -19.91
CA TYR A 99 17.46 -12.68 -19.79
C TYR A 99 16.53 -13.85 -20.13
N GLU A 100 15.32 -13.89 -19.55
CA GLU A 100 14.35 -14.97 -19.81
C GLU A 100 13.85 -14.97 -21.26
N ASP A 101 13.64 -13.80 -21.88
CA ASP A 101 13.21 -13.70 -23.27
C ASP A 101 14.27 -14.30 -24.21
N SER A 102 15.56 -14.02 -23.95
CA SER A 102 16.65 -14.57 -24.77
C SER A 102 16.70 -16.11 -24.67
N ILE A 103 16.38 -16.69 -23.50
CA ILE A 103 16.35 -18.16 -23.30
C ILE A 103 15.24 -18.76 -24.17
N VAL A 104 14.05 -18.12 -24.21
CA VAL A 104 12.93 -18.59 -25.03
C VAL A 104 13.32 -18.46 -26.51
N LEU A 105 13.93 -17.34 -26.94
CA LEU A 105 14.34 -17.16 -28.33
C LEU A 105 15.36 -18.22 -28.81
N GLN A 106 16.26 -18.68 -27.92
CA GLN A 106 17.23 -19.76 -28.26
C GLN A 106 16.46 -21.05 -28.53
N SER A 107 15.41 -21.33 -27.72
CA SER A 107 14.58 -22.50 -27.88
C SER A 107 13.70 -22.39 -29.14
N VAL A 108 13.19 -21.17 -29.44
CA VAL A 108 12.38 -20.93 -30.64
C VAL A 108 13.25 -21.18 -31.87
N PHE A 109 14.53 -20.71 -31.86
CA PHE A 109 15.44 -20.94 -32.98
C PHE A 109 15.59 -22.43 -33.28
N THR A 110 15.80 -23.28 -32.26
CA THR A 110 15.99 -24.72 -32.48
C THR A 110 14.70 -25.43 -32.94
N SER A 111 13.52 -25.08 -32.38
CA SER A 111 12.24 -25.69 -32.80
C SER A 111 11.93 -25.32 -34.25
N VAL A 112 12.09 -24.03 -34.59
CA VAL A 112 11.88 -23.48 -35.93
C VAL A 112 12.87 -24.10 -36.92
N ARG A 113 14.17 -24.24 -36.53
CA ARG A 113 15.19 -24.83 -37.41
C ARG A 113 14.87 -26.28 -37.75
N GLN A 114 14.42 -27.08 -36.76
CA GLN A 114 14.08 -28.49 -36.98
C GLN A 114 12.87 -28.65 -37.90
N LYS A 115 11.89 -27.74 -37.81
CA LYS A 115 10.69 -27.76 -38.66
C LYS A 115 11.05 -27.40 -40.11
N ILE A 116 11.80 -26.30 -40.32
CA ILE A 116 12.20 -25.82 -41.64
C ILE A 116 13.13 -26.83 -42.36
N GLU A 117 13.98 -27.57 -41.63
CA GLU A 117 14.85 -28.59 -42.25
C GLU A 117 14.06 -29.83 -42.68
N LYS A 118 12.98 -30.18 -41.94
CA LYS A 118 12.12 -31.32 -42.28
C LYS A 118 11.26 -31.05 -43.54
N GLU A 119 11.01 -29.77 -43.89
CA GLU A 119 10.21 -29.41 -45.09
C GLU A 119 10.94 -29.82 -46.37
N ASP A 120 12.24 -29.50 -46.49
CA ASP A 120 13.04 -29.86 -47.67
C ASP A 120 13.39 -31.35 -47.69
N PRO B 1 29.05 12.72 -10.25
CA PRO B 1 27.93 13.28 -9.48
C PRO B 1 27.61 12.49 -8.21
N VAL B 2 27.11 13.18 -7.18
CA VAL B 2 26.76 12.60 -5.89
C VAL B 2 25.52 11.69 -6.04
N LEU B 3 24.51 12.16 -6.78
CA LEU B 3 23.28 11.41 -7.01
C LEU B 3 23.34 10.69 -8.36
N ARG B 4 23.67 9.41 -8.32
CA ARG B 4 23.73 8.56 -9.50
C ARG B 4 23.53 7.09 -9.10
N SER B 5 23.24 6.25 -10.08
CA SER B 5 23.17 4.80 -9.85
C SER B 5 24.60 4.28 -9.94
N VAL B 6 24.91 3.20 -9.23
CA VAL B 6 26.21 2.54 -9.30
C VAL B 6 26.03 1.39 -10.27
N ASN B 7 27.03 1.12 -11.12
CA ASN B 7 26.98 -0.02 -12.03
C ASN B 7 27.42 -1.25 -11.21
N SER B 8 26.56 -1.71 -10.30
CA SER B 8 26.85 -2.82 -9.39
C SER B 8 26.78 -4.17 -10.04
N ARG B 9 25.91 -4.35 -11.05
CA ARG B 9 25.72 -5.64 -11.72
C ARG B 9 25.26 -6.71 -10.69
N GLU B 10 24.45 -6.30 -9.71
CA GLU B 10 23.95 -7.19 -8.67
C GLU B 10 22.43 -7.11 -8.69
N PRO B 11 21.74 -8.13 -9.26
CA PRO B 11 20.27 -8.06 -9.39
C PRO B 11 19.47 -7.82 -8.13
N SER B 12 18.36 -7.11 -8.26
CA SER B 12 17.48 -6.82 -7.15
C SER B 12 16.05 -6.65 -7.66
N GLN B 13 15.14 -7.48 -7.13
CA GLN B 13 13.71 -7.47 -7.50
C GLN B 13 13.02 -6.41 -6.65
N VAL B 14 12.26 -5.52 -7.29
CA VAL B 14 11.57 -4.42 -6.62
C VAL B 14 10.09 -4.44 -6.96
N ILE B 15 9.22 -4.04 -6.02
CA ILE B 15 7.80 -3.89 -6.30
C ILE B 15 7.51 -2.40 -6.28
N PHE B 16 7.08 -1.83 -7.41
CA PHE B 16 6.66 -0.42 -7.46
C PHE B 16 5.18 -0.43 -7.20
N CYS B 17 4.71 0.29 -6.19
CA CYS B 17 3.29 0.32 -5.88
C CYS B 17 2.81 1.75 -5.84
N ASN B 18 1.94 2.10 -6.80
CA ASN B 18 1.40 3.44 -6.90
C ASN B 18 0.18 3.60 -5.97
N ARG B 19 0.40 4.15 -4.76
CA ARG B 19 -0.67 4.43 -3.79
C ARG B 19 -0.95 5.94 -3.75
N SER B 20 -0.93 6.57 -4.92
CA SER B 20 -1.24 7.97 -5.09
C SER B 20 -2.39 8.04 -6.09
N PRO B 21 -3.14 9.15 -6.14
CA PRO B 21 -4.20 9.28 -7.15
C PRO B 21 -3.66 9.77 -8.52
N ARG B 22 -2.32 9.87 -8.69
CA ARG B 22 -1.69 10.34 -9.91
C ARG B 22 -1.18 9.20 -10.77
N VAL B 23 -1.01 9.47 -12.07
CA VAL B 23 -0.35 8.54 -13.00
C VAL B 23 1.11 8.79 -12.65
N VAL B 24 1.84 7.74 -12.25
CA VAL B 24 3.22 7.88 -11.81
C VAL B 24 4.22 7.62 -12.91
N LEU B 25 5.25 8.48 -12.98
CA LEU B 25 6.38 8.34 -13.87
C LEU B 25 7.58 7.90 -13.01
N PRO B 26 8.01 6.61 -13.04
CA PRO B 26 9.26 6.25 -12.36
C PRO B 26 10.44 6.85 -13.13
N VAL B 27 11.39 7.44 -12.40
CA VAL B 27 12.57 8.07 -13.00
C VAL B 27 13.83 7.37 -12.47
N TRP B 28 14.63 6.79 -13.38
CA TRP B 28 15.89 6.12 -13.02
C TRP B 28 17.07 7.05 -13.31
N LEU B 29 17.95 7.28 -12.33
CA LEU B 29 19.15 8.09 -12.55
C LEU B 29 20.20 7.15 -13.09
N ASN B 30 20.74 7.41 -14.28
CA ASN B 30 21.72 6.50 -14.88
C ASN B 30 23.11 6.60 -14.17
N PHE B 31 24.15 5.97 -14.75
CA PHE B 31 25.49 5.94 -14.13
C PHE B 31 26.20 7.29 -14.15
N ASP B 32 25.67 8.29 -14.89
CA ASP B 32 26.17 9.66 -14.90
C ASP B 32 25.18 10.61 -14.18
N GLY B 33 24.24 10.05 -13.41
CA GLY B 33 23.26 10.83 -12.67
C GLY B 33 22.20 11.53 -13.49
N GLU B 34 22.00 11.12 -14.76
CA GLU B 34 21.04 11.74 -15.67
C GLU B 34 19.69 11.01 -15.57
N PRO B 35 18.57 11.74 -15.33
CA PRO B 35 17.28 11.05 -15.15
C PRO B 35 16.70 10.44 -16.43
N GLN B 36 16.23 9.19 -16.33
CA GLN B 36 15.67 8.44 -17.46
C GLN B 36 14.21 8.11 -17.18
N PRO B 37 13.25 8.50 -18.05
CA PRO B 37 11.84 8.16 -17.79
C PRO B 37 11.55 6.69 -18.06
N TYR B 38 10.74 6.05 -17.20
CA TYR B 38 10.38 4.62 -17.33
C TYR B 38 8.87 4.50 -17.57
N PRO B 39 8.34 3.31 -17.95
CA PRO B 39 6.89 3.20 -18.20
C PRO B 39 6.03 3.66 -17.01
N THR B 40 4.91 4.32 -17.29
CA THR B 40 4.05 4.90 -16.25
C THR B 40 3.22 3.86 -15.51
N LEU B 41 2.76 4.24 -14.29
CA LEU B 41 1.94 3.38 -13.43
C LEU B 41 0.59 4.07 -13.17
N PRO B 42 -0.55 3.50 -13.57
CA PRO B 42 -1.84 4.17 -13.26
C PRO B 42 -2.13 4.19 -11.77
N PRO B 43 -3.05 5.04 -11.27
CA PRO B 43 -3.35 5.04 -9.83
C PRO B 43 -3.79 3.68 -9.29
N GLY B 44 -3.24 3.27 -8.16
CA GLY B 44 -3.60 2.01 -7.52
C GLY B 44 -2.97 0.76 -8.10
N THR B 45 -2.06 0.87 -9.07
CA THR B 45 -1.45 -0.30 -9.71
C THR B 45 -0.08 -0.60 -9.10
N GLY B 46 0.25 -1.89 -9.07
CA GLY B 46 1.53 -2.38 -8.58
C GLY B 46 2.19 -3.25 -9.64
N ARG B 47 3.52 -3.21 -9.70
CA ARG B 47 4.28 -3.99 -10.68
C ARG B 47 5.60 -4.45 -10.10
N ARG B 48 5.90 -5.76 -10.24
N ARG B 48 5.90 -5.76 -10.23
CA ARG B 48 7.18 -6.32 -9.81
CA ARG B 48 7.18 -6.32 -9.81
C ARG B 48 8.16 -6.09 -10.96
C ARG B 48 8.16 -6.10 -10.96
N ILE B 49 9.27 -5.39 -10.69
CA ILE B 49 10.26 -5.03 -11.71
C ILE B 49 11.64 -5.46 -11.27
N HIS B 50 12.56 -5.60 -12.25
CA HIS B 50 13.92 -5.97 -11.96
C HIS B 50 14.79 -4.71 -12.00
N SER B 51 15.63 -4.54 -10.98
CA SER B 51 16.56 -3.42 -10.87
C SER B 51 17.86 -4.00 -10.30
N TYR B 52 18.80 -3.16 -9.81
CA TYR B 52 20.07 -3.67 -9.31
C TYR B 52 20.45 -2.92 -8.04
N ARG B 53 21.35 -3.49 -7.24
CA ARG B 53 21.80 -2.85 -6.00
C ARG B 53 22.44 -1.48 -6.30
N GLY B 54 22.14 -0.49 -5.47
CA GLY B 54 22.71 0.84 -5.65
C GLY B 54 22.14 1.64 -6.81
N HIS B 55 21.02 1.19 -7.42
CA HIS B 55 20.39 1.93 -8.50
C HIS B 55 19.43 2.93 -7.90
N LEU B 56 19.50 4.19 -8.31
CA LEU B 56 18.76 5.30 -7.71
C LEU B 56 17.51 5.69 -8.50
N TRP B 57 16.36 5.79 -7.80
CA TRP B 57 15.07 6.12 -8.39
C TRP B 57 14.37 7.28 -7.69
N LEU B 58 13.51 7.94 -8.46
CA LEU B 58 12.61 8.96 -7.95
C LEU B 58 11.31 8.86 -8.74
N PHE B 59 10.23 9.45 -8.23
CA PHE B 59 8.91 9.30 -8.84
C PHE B 59 8.22 10.63 -8.94
N ARG B 60 7.54 10.86 -10.07
CA ARG B 60 6.81 12.10 -10.35
C ARG B 60 5.44 11.79 -10.91
N ASP B 61 4.60 12.84 -11.00
CA ASP B 61 3.30 12.73 -11.69
C ASP B 61 3.70 12.72 -13.20
N ALA B 62 3.22 11.76 -13.99
CA ALA B 62 3.61 11.66 -15.40
C ALA B 62 3.15 12.84 -16.29
N GLY B 63 2.01 13.44 -15.97
CA GLY B 63 1.49 14.57 -16.73
C GLY B 63 2.09 15.92 -16.38
N THR B 64 2.26 16.21 -15.09
CA THR B 64 2.73 17.51 -14.60
C THR B 64 4.15 17.56 -14.04
N HIS B 65 4.78 16.38 -13.78
CA HIS B 65 6.12 16.25 -13.21
C HIS B 65 6.22 16.74 -11.75
N ASP B 66 5.07 16.83 -11.02
CA ASP B 66 5.06 17.13 -9.59
C ASP B 66 5.82 16.02 -8.86
N GLY B 67 6.55 16.38 -7.80
CA GLY B 67 7.32 15.43 -7.03
C GLY B 67 6.49 14.54 -6.14
N LEU B 68 6.84 13.26 -6.06
CA LEU B 68 6.16 12.27 -5.23
C LEU B 68 7.14 11.64 -4.27
N LEU B 69 6.61 10.94 -3.26
CA LEU B 69 7.41 10.26 -2.25
C LEU B 69 7.42 8.77 -2.53
N VAL B 70 8.44 8.11 -2.03
CA VAL B 70 8.59 6.66 -2.13
C VAL B 70 9.07 6.22 -0.75
N ASN B 71 8.27 5.40 -0.04
CA ASN B 71 8.58 4.98 1.34
C ASN B 71 8.85 6.19 2.25
N GLN B 72 8.02 7.25 2.08
CA GLN B 72 8.04 8.50 2.85
C GLN B 72 9.25 9.41 2.61
N THR B 73 10.02 9.19 1.53
CA THR B 73 11.16 10.04 1.24
C THR B 73 11.24 10.27 -0.28
N GLU B 74 12.15 11.14 -0.72
CA GLU B 74 12.26 11.53 -2.13
C GLU B 74 12.99 10.54 -3.02
N LEU B 75 13.99 9.85 -2.49
CA LEU B 75 14.79 8.92 -3.28
C LEU B 75 14.60 7.48 -2.81
N PHE B 76 14.75 6.53 -3.74
CA PHE B 76 14.66 5.10 -3.45
C PHE B 76 15.87 4.40 -4.08
N VAL B 77 16.49 3.51 -3.31
CA VAL B 77 17.67 2.75 -3.72
C VAL B 77 17.42 1.34 -3.21
N PRO B 78 17.22 0.33 -4.09
N PRO B 78 17.35 0.28 -4.02
CA PRO B 78 16.91 -1.03 -3.60
CA PRO B 78 17.22 -1.05 -3.46
C PRO B 78 17.91 -1.56 -2.61
C PRO B 78 18.62 -1.59 -3.15
N SER B 79 17.43 -1.68 -1.40
N SER B 79 18.74 -2.34 -2.06
CA SER B 79 18.16 -2.20 -0.27
CA SER B 79 19.98 -3.02 -1.71
C SER B 79 18.43 -3.71 -0.44
C SER B 79 19.81 -4.46 -2.24
N LEU B 80 19.41 -4.26 0.31
N LEU B 80 20.62 -5.42 -1.78
CA LEU B 80 19.84 -5.68 0.24
CA LEU B 80 20.43 -6.82 -2.19
C LEU B 80 18.69 -6.69 0.06
C LEU B 80 19.18 -7.37 -1.55
N ASN B 81 18.68 -7.44 -1.06
N ASN B 81 18.58 -8.38 -2.19
CA ASN B 81 17.66 -8.47 -1.30
CA ASN B 81 17.41 -9.05 -1.64
C ASN B 81 18.03 -9.64 -0.38
C ASN B 81 17.87 -9.93 -0.48
N VAL B 82 17.29 -9.81 0.73
CA VAL B 82 17.61 -10.82 1.75
C VAL B 82 16.84 -12.09 1.37
N ASP B 83 17.55 -13.21 1.12
CA ASP B 83 16.97 -14.53 0.80
C ASP B 83 15.84 -14.49 -0.23
N GLY B 84 16.09 -13.83 -1.36
CA GLY B 84 15.13 -13.69 -2.44
C GLY B 84 13.88 -12.86 -2.17
N GLN B 85 13.85 -12.08 -1.06
CA GLN B 85 12.67 -11.27 -0.72
C GLN B 85 12.62 -10.00 -1.59
N PRO B 86 11.51 -9.73 -2.33
CA PRO B 86 11.44 -8.47 -3.11
C PRO B 86 11.48 -7.23 -2.23
N ILE B 87 12.01 -6.12 -2.75
CA ILE B 87 12.07 -4.84 -2.04
C ILE B 87 10.85 -4.03 -2.44
N PHE B 88 10.08 -3.53 -1.47
CA PHE B 88 8.86 -2.77 -1.77
C PHE B 88 9.09 -1.25 -1.83
N ALA B 89 8.55 -0.61 -2.88
CA ALA B 89 8.60 0.85 -3.09
C ALA B 89 7.17 1.37 -3.10
N ASN B 90 6.71 1.88 -1.96
CA ASN B 90 5.37 2.42 -1.79
C ASN B 90 5.38 3.88 -2.23
N ILE B 91 4.78 4.17 -3.40
CA ILE B 91 4.77 5.52 -3.96
C ILE B 91 3.49 6.26 -3.50
N THR B 92 3.65 7.44 -2.90
CA THR B 92 2.50 8.22 -2.39
C THR B 92 2.70 9.69 -2.71
N LEU B 93 1.66 10.50 -2.46
CA LEU B 93 1.77 11.94 -2.58
C LEU B 93 2.58 12.40 -1.37
N PRO B 94 3.35 13.51 -1.46
CA PRO B 94 3.85 14.13 -0.22
C PRO B 94 2.72 15.03 0.32
N VAL B 95 2.97 15.70 1.44
CA VAL B 95 2.07 16.73 1.93
C VAL B 95 2.67 17.98 1.27
N TYR B 96 2.08 18.42 0.14
CA TYR B 96 2.59 19.61 -0.54
C TYR B 96 2.28 20.83 0.29
N THR B 97 2.97 21.95 0.04
CA THR B 97 2.62 23.21 0.73
C THR B 97 1.28 23.65 0.11
N LEU B 98 0.50 24.44 0.83
CA LEU B 98 -0.75 24.95 0.28
C LEU B 98 -0.47 25.76 -1.00
N LYS B 99 0.57 26.62 -0.97
CA LYS B 99 0.99 27.41 -2.13
C LYS B 99 1.30 26.52 -3.34
N GLU B 100 2.10 25.45 -3.16
CA GLU B 100 2.44 24.56 -4.27
C GLU B 100 1.18 23.81 -4.77
N ARG B 101 0.34 23.35 -3.85
CA ARG B 101 -0.89 22.67 -4.24
C ARG B 101 -1.83 23.62 -5.02
N CYS B 102 -1.89 24.91 -4.64
CA CYS B 102 -2.69 25.90 -5.37
C CYS B 102 -2.10 26.12 -6.78
N LEU B 103 -0.77 26.21 -6.88
CA LEU B 103 -0.08 26.36 -8.19
C LEU B 103 -0.40 25.16 -9.10
N GLN B 104 -0.37 23.93 -8.57
CA GLN B 104 -0.73 22.72 -9.33
C GLN B 104 -2.12 22.81 -9.93
N VAL B 105 -3.11 23.17 -9.11
CA VAL B 105 -4.50 23.28 -9.56
C VAL B 105 -4.67 24.40 -10.60
N VAL B 106 -4.03 25.57 -10.43
CA VAL B 106 -4.13 26.67 -11.39
C VAL B 106 -3.47 26.28 -12.74
N ARG B 107 -2.30 25.59 -12.71
CA ARG B 107 -1.63 25.13 -13.93
C ARG B 107 -2.50 24.10 -14.70
N SER B 108 -3.29 23.27 -13.99
CA SER B 108 -4.14 22.25 -14.62
C SER B 108 -5.37 22.87 -15.33
N LEU B 109 -5.83 24.06 -14.90
CA LEU B 109 -7.01 24.74 -15.45
C LEU B 109 -6.68 25.82 -16.50
N VAL B 110 -5.53 26.51 -16.36
CA VAL B 110 -5.13 27.61 -17.24
C VAL B 110 -3.97 27.17 -18.15
N LYS B 111 -4.03 27.54 -19.45
CA LYS B 111 -2.98 27.22 -20.42
C LYS B 111 -1.75 28.12 -20.19
N PRO B 112 -0.52 27.70 -20.54
CA PRO B 112 0.64 28.58 -20.31
C PRO B 112 0.56 29.97 -20.94
N GLU B 113 -0.04 30.08 -22.14
CA GLU B 113 -0.20 31.36 -22.84
C GLU B 113 -1.19 32.31 -22.12
N ASN B 114 -2.14 31.77 -21.33
CA ASN B 114 -3.15 32.55 -20.60
C ASN B 114 -2.84 32.76 -19.09
N TYR B 115 -1.58 32.59 -18.65
CA TYR B 115 -1.23 32.79 -17.23
C TYR B 115 -1.26 34.28 -16.83
N ARG B 116 -0.71 35.15 -17.68
CA ARG B 116 -0.65 36.59 -17.40
C ARG B 116 -1.99 37.32 -17.58
N ARG B 117 -3.03 36.62 -18.08
CA ARG B 117 -4.39 37.14 -18.24
C ARG B 117 -5.19 37.05 -16.91
N LEU B 118 -4.70 36.29 -15.92
CA LEU B 118 -5.39 36.09 -14.64
C LEU B 118 -5.32 37.32 -13.75
N ASP B 119 -6.34 37.51 -12.89
CA ASP B 119 -6.41 38.62 -11.94
C ASP B 119 -5.71 38.21 -10.63
N ILE B 120 -4.37 38.20 -10.65
CA ILE B 120 -3.54 37.85 -9.49
C ILE B 120 -2.26 38.68 -9.51
N VAL B 121 -1.53 38.70 -8.37
CA VAL B 121 -0.28 39.44 -8.25
C VAL B 121 0.78 38.86 -9.22
N ARG B 122 1.64 39.72 -9.80
CA ARG B 122 2.61 39.30 -10.82
C ARG B 122 3.72 38.39 -10.27
N SER B 123 3.98 38.36 -8.94
CA SER B 123 4.99 37.44 -8.38
C SER B 123 4.54 35.97 -8.52
N LEU B 124 3.21 35.72 -8.68
CA LEU B 124 2.67 34.38 -8.89
C LEU B 124 2.78 33.90 -10.33
N TYR B 125 2.91 34.82 -11.33
CA TYR B 125 3.06 34.41 -12.73
C TYR B 125 4.38 33.66 -12.91
N GLU B 126 5.47 34.12 -12.26
CA GLU B 126 6.77 33.44 -12.31
C GLU B 126 6.73 32.09 -11.57
N ASP B 127 5.95 32.00 -10.47
CA ASP B 127 5.78 30.77 -9.70
C ASP B 127 5.03 29.73 -10.54
N LEU B 128 4.00 30.19 -11.25
CA LEU B 128 3.20 29.36 -12.16
C LEU B 128 4.06 28.89 -13.35
N GLU B 129 4.93 29.78 -13.88
CA GLU B 129 5.83 29.46 -14.99
C GLU B 129 6.99 28.55 -14.54
N ASP B 130 7.38 28.60 -13.25
CA ASP B 130 8.45 27.75 -12.71
C ASP B 130 7.86 26.35 -12.39
N HIS B 131 7.60 25.57 -13.46
CA HIS B 131 7.00 24.23 -13.34
C HIS B 131 7.94 23.28 -12.59
N PRO B 132 7.39 22.27 -11.88
CA PRO B 132 8.28 21.31 -11.19
C PRO B 132 9.19 20.61 -12.20
N ASN B 133 10.46 20.49 -11.84
CA ASN B 133 11.48 19.94 -12.74
C ASN B 133 12.38 18.97 -11.96
N VAL B 134 12.64 17.78 -12.53
CA VAL B 134 13.49 16.77 -11.89
C VAL B 134 14.91 17.33 -11.68
N GLN B 135 15.46 18.00 -12.70
CA GLN B 135 16.82 18.57 -12.66
C GLN B 135 17.01 19.58 -11.52
N LYS B 136 16.00 20.45 -11.29
CA LYS B 136 16.06 21.43 -10.20
C LYS B 136 15.97 20.74 -8.82
N ASP B 137 15.16 19.67 -8.70
CA ASP B 137 15.07 18.92 -7.44
C ASP B 137 16.34 18.11 -7.17
N LEU B 138 17.03 17.63 -8.23
CA LEU B 138 18.29 16.91 -8.06
C LEU B 138 19.37 17.85 -7.51
N GLU B 139 19.39 19.12 -7.95
CA GLU B 139 20.33 20.14 -7.44
C GLU B 139 20.08 20.38 -5.95
N ARG B 140 18.81 20.62 -5.59
CA ARG B 140 18.40 20.85 -4.20
C ARG B 140 18.80 19.64 -3.34
N LEU B 141 18.48 18.40 -3.79
CA LEU B 141 18.84 17.18 -3.06
C LEU B 141 20.36 16.98 -2.98
N THR B 142 21.11 17.39 -4.03
CA THR B 142 22.58 17.32 -4.02
C THR B 142 23.14 18.34 -3.02
N GLN B 143 22.60 19.57 -3.01
CA GLN B 143 23.02 20.63 -2.06
C GLN B 143 22.74 20.25 -0.61
N GLU B 144 21.64 19.50 -0.35
CA GLU B 144 21.29 18.98 0.97
C GLU B 144 22.30 17.92 1.42
N ARG B 145 22.73 17.05 0.50
CA ARG B 145 23.71 15.99 0.79
C ARG B 145 25.09 16.60 1.07
N ILE B 146 25.49 17.65 0.31
CA ILE B 146 26.78 18.34 0.48
C ILE B 146 26.79 19.07 1.84
N ALA B 147 25.67 19.70 2.23
CA ALA B 147 25.54 20.42 3.51
C ALA B 147 25.63 19.47 4.70
N HIS B 148 25.00 18.29 4.62
CA HIS B 148 25.03 17.32 5.72
C HIS B 148 26.38 16.60 5.81
N GLN B 149 27.17 16.54 4.70
CA GLN B 149 28.49 15.91 4.62
C GLN B 149 28.41 14.40 4.85
N MET C 1 -5.03 22.09 26.03
CA MET C 1 -5.05 22.35 24.60
C MET C 1 -5.25 23.84 24.35
N MET C 2 -4.23 24.52 23.80
CA MET C 2 -4.29 25.96 23.52
C MET C 2 -4.86 26.18 22.13
N TYR C 3 -5.77 27.16 22.00
CA TYR C 3 -6.43 27.52 20.75
C TYR C 3 -6.13 28.98 20.43
N VAL C 4 -6.25 29.34 19.15
CA VAL C 4 -6.06 30.71 18.66
C VAL C 4 -7.28 31.08 17.81
N LYS C 5 -7.56 32.39 17.65
CA LYS C 5 -8.68 32.87 16.87
C LYS C 5 -8.18 33.60 15.62
N LEU C 6 -8.66 33.19 14.44
CA LEU C 6 -8.30 33.79 13.16
C LEU C 6 -9.58 34.41 12.63
N ILE C 7 -9.58 35.74 12.36
CA ILE C 7 -10.77 36.45 11.92
C ILE C 7 -10.63 36.86 10.45
N SER C 8 -11.64 36.53 9.61
CA SER C 8 -11.63 36.86 8.19
C SER C 8 -12.03 38.31 7.93
N SER C 9 -11.90 38.77 6.68
CA SER C 9 -12.26 40.14 6.27
C SER C 9 -13.74 40.47 6.53
N ASP C 10 -14.62 39.47 6.37
CA ASP C 10 -16.08 39.59 6.56
C ASP C 10 -16.55 39.26 8.01
N GLY C 11 -15.64 39.19 8.98
CA GLY C 11 -15.99 38.98 10.39
C GLY C 11 -16.22 37.57 10.89
N HIS C 12 -15.92 36.51 10.10
CA HIS C 12 -16.08 35.13 10.61
C HIS C 12 -14.88 34.81 11.51
N GLU C 13 -15.13 34.19 12.67
CA GLU C 13 -14.08 33.84 13.64
C GLU C 13 -13.82 32.33 13.55
N PHE C 14 -12.57 31.96 13.28
CA PHE C 14 -12.15 30.57 13.16
C PHE C 14 -11.27 30.23 14.36
N ILE C 15 -11.74 29.34 15.24
CA ILE C 15 -11.00 28.92 16.42
C ILE C 15 -10.30 27.62 16.06
N VAL C 16 -8.96 27.64 16.02
CA VAL C 16 -8.13 26.50 15.63
C VAL C 16 -7.06 26.24 16.67
N LYS C 17 -6.56 25.01 16.76
CA LYS C 17 -5.48 24.66 17.69
C LYS C 17 -4.24 25.49 17.37
N ARG C 18 -3.58 26.05 18.40
CA ARG C 18 -2.38 26.88 18.23
C ARG C 18 -1.34 26.18 17.36
N GLU C 19 -1.03 24.90 17.69
CA GLU C 19 -0.06 24.06 16.97
C GLU C 19 -0.40 23.96 15.47
N HIS C 20 -1.70 23.92 15.13
CA HIS C 20 -2.15 23.83 13.74
C HIS C 20 -1.97 25.17 13.01
N ALA C 21 -2.34 26.29 13.65
CA ALA C 21 -2.16 27.63 13.07
C ALA C 21 -0.69 27.96 12.80
N LEU C 22 0.25 27.43 13.61
CA LEU C 22 1.69 27.65 13.42
C LEU C 22 2.23 27.07 12.09
N THR C 23 1.43 26.23 11.37
CA THR C 23 1.73 25.73 10.01
C THR C 23 2.07 26.91 9.09
N SER C 24 1.37 28.05 9.28
CA SER C 24 1.62 29.28 8.54
C SER C 24 2.80 30.05 9.16
N GLY C 25 3.80 30.37 8.33
CA GLY C 25 4.97 31.14 8.74
C GLY C 25 4.62 32.57 9.12
N THR C 26 3.64 33.18 8.41
CA THR C 26 3.16 34.54 8.70
C THR C 26 2.47 34.55 10.08
N ILE C 27 1.62 33.54 10.38
CA ILE C 27 0.97 33.42 11.69
C ILE C 27 2.02 33.12 12.78
N LYS C 28 3.03 32.28 12.46
CA LYS C 28 4.12 31.94 13.40
C LYS C 28 4.87 33.22 13.80
N ALA C 29 5.20 34.08 12.82
CA ALA C 29 5.88 35.36 13.04
C ALA C 29 5.01 36.33 13.85
N MET C 30 3.67 36.32 13.64
CA MET C 30 2.74 37.17 14.39
C MET C 30 2.56 36.72 15.84
N LEU C 31 2.39 35.41 16.07
CA LEU C 31 2.21 34.86 17.43
C LEU C 31 3.47 34.95 18.30
N SER C 32 4.68 35.03 17.70
CA SER C 32 5.94 35.13 18.43
C SER C 32 6.34 36.60 18.60
N ASN C 43 -3.02 35.46 20.82
CA ASN C 43 -4.06 34.44 20.60
C ASN C 43 -5.05 34.82 19.48
N GLU C 44 -5.20 36.12 19.14
CA GLU C 44 -6.13 36.56 18.10
C GLU C 44 -5.38 37.18 16.92
N VAL C 45 -5.86 36.91 15.68
CA VAL C 45 -5.27 37.44 14.44
C VAL C 45 -6.39 37.87 13.47
N ASN C 46 -6.38 39.15 13.03
CA ASN C 46 -7.38 39.66 12.08
C ASN C 46 -6.78 39.71 10.67
N PHE C 47 -7.54 39.23 9.67
CA PHE C 47 -7.12 39.21 8.26
C PHE C 47 -8.09 40.08 7.47
N ARG C 48 -7.72 41.36 7.28
CA ARG C 48 -8.56 42.34 6.57
C ARG C 48 -8.72 42.03 5.08
N GLU C 49 -7.83 41.21 4.49
CA GLU C 49 -7.83 40.89 3.05
C GLU C 49 -8.30 39.45 2.70
N ILE C 50 -8.35 38.50 3.68
CA ILE C 50 -8.74 37.11 3.41
C ILE C 50 -10.20 36.88 3.78
N PRO C 51 -11.10 36.60 2.80
CA PRO C 51 -12.51 36.37 3.14
C PRO C 51 -12.74 34.96 3.73
N SER C 52 -13.87 34.79 4.40
CA SER C 52 -14.23 33.56 5.14
C SER C 52 -14.20 32.26 4.32
N HIS C 53 -14.66 32.27 3.05
CA HIS C 53 -14.63 31.04 2.24
C HIS C 53 -13.17 30.59 1.97
N VAL C 54 -12.21 31.53 1.95
CA VAL C 54 -10.80 31.26 1.75
C VAL C 54 -10.18 30.85 3.10
N LEU C 55 -10.43 31.62 4.18
CA LEU C 55 -9.84 31.35 5.50
C LEU C 55 -10.30 30.02 6.10
N SER C 56 -11.56 29.60 5.83
CA SER C 56 -12.03 28.28 6.29
C SER C 56 -11.21 27.18 5.58
N LYS C 57 -10.97 27.33 4.26
CA LYS C 57 -10.19 26.38 3.45
C LYS C 57 -8.73 26.33 3.94
N VAL C 58 -8.17 27.48 4.35
CA VAL C 58 -6.81 27.55 4.90
C VAL C 58 -6.74 26.72 6.20
N CYS C 59 -7.76 26.83 7.08
CA CYS C 59 -7.82 26.07 8.33
C CYS C 59 -7.92 24.56 8.08
N MET C 60 -8.62 24.15 6.98
CA MET C 60 -8.71 22.73 6.62
C MET C 60 -7.33 22.24 6.19
N TYR C 61 -6.55 23.10 5.50
CA TYR C 61 -5.18 22.74 5.11
C TYR C 61 -4.32 22.55 6.38
N PHE C 62 -4.46 23.42 7.38
CA PHE C 62 -3.67 23.29 8.63
C PHE C 62 -3.92 21.92 9.29
N THR C 63 -5.18 21.47 9.35
CA THR C 63 -5.55 20.16 9.92
C THR C 63 -4.94 19.04 9.09
N TYR C 64 -5.09 19.15 7.76
CA TYR C 64 -4.55 18.20 6.79
C TYR C 64 -3.04 18.06 6.94
N LYS C 65 -2.32 19.21 6.99
CA LYS C 65 -0.87 19.26 7.17
C LYS C 65 -0.43 18.53 8.44
N VAL C 66 -1.04 18.86 9.59
CA VAL C 66 -0.66 18.25 10.87
C VAL C 66 -1.01 16.77 10.91
N ARG C 67 -2.16 16.37 10.36
CA ARG C 67 -2.54 14.95 10.37
C ARG C 67 -1.64 14.07 9.47
N TYR C 68 -1.31 14.54 8.25
CA TYR C 68 -0.60 13.71 7.27
C TYR C 68 0.91 13.90 7.17
N THR C 69 1.53 14.95 7.76
CA THR C 69 3.00 15.10 7.66
C THR C 69 3.68 14.00 8.49
N ASN C 70 4.65 13.29 7.90
CA ASN C 70 5.38 12.16 8.51
C ASN C 70 4.43 11.00 8.91
N SER C 71 3.32 10.84 8.16
CA SER C 71 2.32 9.82 8.44
C SER C 71 2.58 8.54 7.63
N SER C 72 2.05 7.41 8.12
CA SER C 72 2.14 6.11 7.45
C SER C 72 0.80 5.68 6.80
N THR C 73 -0.32 6.37 7.11
CA THR C 73 -1.60 6.11 6.43
C THR C 73 -1.49 6.70 5.03
N GLU C 74 -2.35 6.25 4.10
CA GLU C 74 -2.32 6.78 2.73
C GLU C 74 -2.58 8.27 2.78
N ILE C 75 -1.84 9.08 2.00
CA ILE C 75 -2.03 10.53 2.00
C ILE C 75 -3.03 10.88 0.89
N PRO C 76 -4.23 11.40 1.23
CA PRO C 76 -5.17 11.78 0.17
C PRO C 76 -4.79 13.13 -0.45
N GLU C 77 -5.33 13.43 -1.63
CA GLU C 77 -5.09 14.73 -2.27
C GLU C 77 -5.79 15.83 -1.48
N PHE C 78 -5.19 17.02 -1.36
CA PHE C 78 -5.88 18.15 -0.75
C PHE C 78 -6.75 18.73 -1.90
N PRO C 79 -8.10 18.68 -1.81
CA PRO C 79 -8.92 19.14 -2.95
C PRO C 79 -9.10 20.64 -2.97
N ILE C 80 -9.08 21.24 -4.16
CA ILE C 80 -9.30 22.68 -4.34
C ILE C 80 -10.27 22.85 -5.51
N ALA C 81 -11.43 23.48 -5.27
CA ALA C 81 -12.39 23.72 -6.34
C ALA C 81 -11.82 24.79 -7.29
N PRO C 82 -12.05 24.70 -8.61
CA PRO C 82 -11.54 25.76 -9.52
C PRO C 82 -11.93 27.20 -9.15
N GLU C 83 -13.13 27.39 -8.55
CA GLU C 83 -13.64 28.72 -8.21
C GLU C 83 -12.86 29.44 -7.10
N ILE C 84 -12.24 28.68 -6.16
CA ILE C 84 -11.47 29.25 -5.04
C ILE C 84 -9.95 29.27 -5.27
N ALA C 85 -9.45 28.50 -6.25
CA ALA C 85 -8.00 28.33 -6.51
C ALA C 85 -7.17 29.62 -6.55
N LEU C 86 -7.62 30.65 -7.30
CA LEU C 86 -6.88 31.90 -7.42
C LEU C 86 -6.79 32.66 -6.09
N GLU C 87 -7.90 32.79 -5.34
CA GLU C 87 -7.88 33.47 -4.04
C GLU C 87 -7.08 32.70 -3.00
N LEU C 88 -7.24 31.36 -2.96
CA LEU C 88 -6.50 30.51 -2.02
C LEU C 88 -4.98 30.57 -2.30
N LEU C 89 -4.58 30.66 -3.60
CA LEU C 89 -3.17 30.80 -4.00
C LEU C 89 -2.59 32.07 -3.36
N MET C 90 -3.31 33.21 -3.48
CA MET C 90 -2.87 34.49 -2.91
C MET C 90 -2.81 34.44 -1.38
N ALA C 91 -3.78 33.78 -0.73
CA ALA C 91 -3.80 33.63 0.72
C ALA C 91 -2.59 32.78 1.17
N ALA C 92 -2.35 31.64 0.49
CA ALA C 92 -1.19 30.78 0.77
C ALA C 92 0.14 31.52 0.56
N ASN C 93 0.21 32.35 -0.50
CA ASN C 93 1.40 33.15 -0.82
C ASN C 93 1.67 34.12 0.31
N PHE C 94 0.63 34.83 0.77
CA PHE C 94 0.72 35.77 1.88
C PHE C 94 1.03 35.07 3.20
N LEU C 95 0.33 33.96 3.49
CA LEU C 95 0.49 33.22 4.74
C LEU C 95 1.75 32.34 4.86
N ASP C 96 2.47 32.04 3.75
CA ASP C 96 3.67 31.20 3.78
C ASP C 96 3.35 29.80 4.36
N CYS C 97 2.45 29.07 3.67
CA CYS C 97 2.04 27.72 4.07
C CYS C 97 1.75 26.85 2.85
N MET D 1 -10.45 5.58 15.50
CA MET D 1 -10.54 6.31 14.24
C MET D 1 -10.89 7.76 14.52
N ASP D 2 -10.07 8.69 14.03
CA ASP D 2 -10.31 10.12 14.28
C ASP D 2 -11.29 10.72 13.28
N VAL D 3 -12.15 11.66 13.75
CA VAL D 3 -13.11 12.39 12.91
C VAL D 3 -12.79 13.87 13.05
N PHE D 4 -12.88 14.62 11.96
CA PHE D 4 -12.51 16.04 11.90
C PHE D 4 -13.73 16.89 11.66
N LEU D 5 -13.98 17.84 12.56
CA LEU D 5 -15.20 18.63 12.59
C LEU D 5 -15.00 20.11 12.53
N MET D 6 -16.08 20.82 12.13
CA MET D 6 -16.23 22.27 12.22
C MET D 6 -17.48 22.47 13.06
N ILE D 7 -17.33 22.95 14.30
CA ILE D 7 -18.49 23.21 15.18
C ILE D 7 -18.84 24.67 14.92
N ARG D 8 -20.03 24.91 14.34
CA ARG D 8 -20.42 26.23 13.88
C ARG D 8 -21.66 26.82 14.59
N ARG D 9 -21.56 28.09 14.99
CA ARG D 9 -22.63 28.85 15.64
C ARG D 9 -22.48 30.32 15.25
N HIS D 10 -23.52 30.94 14.63
CA HIS D 10 -23.49 32.34 14.17
C HIS D 10 -22.27 32.57 13.24
N LYS D 11 -21.28 33.40 13.64
CA LYS D 11 -20.06 33.67 12.88
C LYS D 11 -18.83 33.04 13.58
N THR D 12 -19.04 31.99 14.40
CA THR D 12 -17.96 31.27 15.10
C THR D 12 -17.86 29.86 14.52
N THR D 13 -16.63 29.41 14.20
CA THR D 13 -16.35 28.07 13.69
C THR D 13 -15.18 27.49 14.47
N ILE D 14 -15.40 26.41 15.23
CA ILE D 14 -14.32 25.74 15.97
C ILE D 14 -13.85 24.55 15.13
N PHE D 15 -12.56 24.49 14.81
CA PHE D 15 -11.98 23.34 14.13
C PHE D 15 -11.50 22.38 15.19
N THR D 16 -12.03 21.16 15.22
CA THR D 16 -11.56 20.20 16.20
C THR D 16 -11.70 18.79 15.70
N ASP D 17 -11.17 17.85 16.47
CA ASP D 17 -11.24 16.45 16.13
C ASP D 17 -11.55 15.64 17.36
N ALA D 18 -12.04 14.44 17.13
CA ALA D 18 -12.40 13.53 18.21
C ALA D 18 -12.38 12.13 17.66
N LYS D 19 -12.58 11.12 18.52
CA LYS D 19 -12.60 9.75 18.06
C LYS D 19 -14.01 9.46 17.55
N GLU D 20 -14.15 8.48 16.65
CA GLU D 20 -15.44 8.03 16.14
C GLU D 20 -16.26 7.40 17.30
N SER D 21 -15.57 6.75 18.26
CA SER D 21 -16.19 6.10 19.42
C SER D 21 -16.56 7.09 20.55
N SER D 22 -16.08 8.35 20.49
CA SER D 22 -16.39 9.35 21.51
C SER D 22 -17.84 9.78 21.36
N THR D 23 -18.44 10.30 22.45
CA THR D 23 -19.84 10.70 22.45
C THR D 23 -20.08 12.18 22.14
N VAL D 24 -21.34 12.50 21.84
CA VAL D 24 -21.82 13.87 21.62
C VAL D 24 -21.61 14.67 22.92
N PHE D 25 -21.83 14.06 24.10
CA PHE D 25 -21.61 14.73 25.39
C PHE D 25 -20.13 15.11 25.55
N GLU D 26 -19.20 14.22 25.17
CA GLU D 26 -17.76 14.51 25.22
C GLU D 26 -17.40 15.65 24.25
N LEU D 27 -18.12 15.77 23.12
CA LEU D 27 -17.92 16.89 22.17
C LEU D 27 -18.42 18.20 22.79
N LYS D 28 -19.51 18.18 23.59
CA LYS D 28 -19.97 19.39 24.29
C LYS D 28 -18.96 19.81 25.38
N ARG D 29 -18.21 18.84 25.98
CA ARG D 29 -17.15 19.17 26.95
C ARG D 29 -15.98 19.88 26.26
N ILE D 30 -15.71 19.56 24.97
CA ILE D 30 -14.66 20.25 24.20
C ILE D 30 -15.12 21.70 23.97
N VAL D 31 -16.39 21.89 23.54
CA VAL D 31 -16.97 23.22 23.33
C VAL D 31 -16.92 24.00 24.66
N GLU D 32 -17.25 23.34 25.79
CA GLU D 32 -17.21 23.98 27.12
C GLU D 32 -15.82 24.53 27.45
N GLY D 33 -14.77 23.77 27.16
CA GLY D 33 -13.40 24.21 27.43
C GLY D 33 -13.00 25.41 26.59
N ILE D 34 -13.53 25.52 25.36
CA ILE D 34 -13.20 26.63 24.46
C ILE D 34 -14.07 27.88 24.73
N LEU D 35 -15.40 27.71 24.77
CA LEU D 35 -16.35 28.82 24.87
C LEU D 35 -17.01 29.00 26.24
N LYS D 36 -16.62 28.20 27.24
CA LYS D 36 -17.03 28.37 28.65
C LYS D 36 -18.56 28.36 28.84
N ARG D 37 -19.23 27.53 28.04
CA ARG D 37 -20.67 27.34 28.09
C ARG D 37 -20.89 25.91 28.56
N PRO D 38 -21.58 25.57 29.66
CA PRO D 38 -21.67 24.17 30.04
C PRO D 38 -22.45 23.30 29.04
N PRO D 39 -22.31 21.95 29.02
CA PRO D 39 -23.09 21.08 28.13
C PRO D 39 -24.61 21.25 28.17
N ASP D 40 -25.18 21.48 29.36
CA ASP D 40 -26.63 21.66 29.54
C ASP D 40 -27.07 22.95 28.87
N GLU D 41 -26.16 23.82 28.47
CA GLU D 41 -26.49 25.05 27.74
C GLU D 41 -26.19 24.90 26.24
N GLN D 42 -25.97 23.66 25.72
CA GLN D 42 -25.68 23.44 24.29
C GLN D 42 -26.58 22.42 23.64
N ARG D 43 -26.94 22.67 22.38
CA ARG D 43 -27.63 21.71 21.51
C ARG D 43 -26.70 21.55 20.30
N LEU D 44 -26.31 20.31 19.95
CA LEU D 44 -25.46 20.01 18.81
C LEU D 44 -26.33 19.36 17.74
N TYR D 45 -26.06 19.70 16.47
CA TYR D 45 -26.85 19.23 15.33
C TYR D 45 -26.00 18.72 14.20
N LYS D 46 -26.58 17.78 13.43
CA LYS D 46 -25.99 17.29 12.18
C LYS D 46 -27.12 17.35 11.17
N ASP D 47 -26.94 18.08 10.06
CA ASP D 47 -27.96 18.20 9.01
C ASP D 47 -29.32 18.64 9.60
N ASP D 48 -29.29 19.61 10.53
CA ASP D 48 -30.48 20.16 11.20
C ASP D 48 -31.21 19.17 12.16
N GLN D 49 -30.58 18.02 12.52
CA GLN D 49 -31.19 17.05 13.43
C GLN D 49 -30.48 17.11 14.77
N LEU D 50 -31.25 17.14 15.88
CA LEU D 50 -30.65 17.27 17.21
C LEU D 50 -29.89 15.98 17.59
N LEU D 51 -28.63 16.11 18.05
CA LEU D 51 -27.82 14.93 18.42
C LEU D 51 -27.99 14.52 19.89
N ASP D 52 -28.21 13.20 20.15
CA ASP D 52 -28.35 12.70 21.54
C ASP D 52 -26.98 12.65 22.24
N ASP D 53 -26.92 13.09 23.50
CA ASP D 53 -25.69 13.08 24.33
C ASP D 53 -24.99 11.71 24.43
N GLY D 54 -25.74 10.63 24.56
CA GLY D 54 -25.17 9.30 24.71
C GLY D 54 -24.68 8.63 23.44
N LYS D 55 -25.06 9.15 22.27
CA LYS D 55 -24.66 8.55 21.00
C LYS D 55 -23.20 8.83 20.67
N THR D 56 -22.53 7.90 20.00
CA THR D 56 -21.15 8.09 19.58
C THR D 56 -21.18 8.93 18.30
N LEU D 57 -20.05 9.56 17.95
CA LEU D 57 -19.97 10.37 16.73
C LEU D 57 -20.14 9.50 15.48
N GLY D 58 -19.66 8.26 15.55
CA GLY D 58 -19.85 7.27 14.49
C GLY D 58 -21.32 6.93 14.30
N GLU D 59 -22.08 6.79 15.40
CA GLU D 59 -23.53 6.53 15.35
C GLU D 59 -24.31 7.74 14.77
N CYS D 60 -23.77 8.97 14.89
CA CYS D 60 -24.38 10.17 14.31
C CYS D 60 -24.07 10.32 12.80
N GLY D 61 -23.14 9.51 12.26
CA GLY D 61 -22.74 9.56 10.87
C GLY D 61 -21.40 10.25 10.61
N PHE D 62 -20.64 10.58 11.68
CA PHE D 62 -19.31 11.19 11.54
C PHE D 62 -18.27 10.08 11.50
N THR D 63 -17.73 9.78 10.33
CA THR D 63 -16.74 8.71 10.14
C THR D 63 -15.53 9.25 9.43
N SER D 64 -14.50 8.42 9.26
CA SER D 64 -13.28 8.79 8.54
C SER D 64 -13.55 9.15 7.07
N GLN D 65 -14.66 8.65 6.49
CA GLN D 65 -15.04 8.94 5.11
C GLN D 65 -15.81 10.27 4.99
N THR D 66 -16.66 10.62 5.99
CA THR D 66 -17.48 11.84 5.93
C THR D 66 -16.92 13.03 6.73
N ALA D 67 -15.90 12.80 7.58
CA ALA D 67 -15.35 13.86 8.45
C ALA D 67 -13.82 13.81 8.37
N ARG D 68 -13.28 14.29 7.25
CA ARG D 68 -11.85 14.21 6.91
C ARG D 68 -11.07 15.47 7.29
N PRO D 69 -9.75 15.40 7.56
CA PRO D 69 -9.00 16.63 7.89
C PRO D 69 -9.19 17.75 6.86
N GLN D 70 -9.06 17.40 5.56
CA GLN D 70 -9.21 18.33 4.43
C GLN D 70 -10.67 18.68 4.07
N ALA D 71 -11.65 17.94 4.57
CA ALA D 71 -13.09 18.16 4.29
C ALA D 71 -13.87 17.79 5.56
N PRO D 72 -13.75 18.59 6.63
CA PRO D 72 -14.40 18.25 7.90
C PRO D 72 -15.92 18.32 7.85
N ALA D 73 -16.59 17.54 8.70
CA ALA D 73 -18.06 17.54 8.78
C ALA D 73 -18.50 18.71 9.67
N THR D 74 -19.65 19.32 9.35
CA THR D 74 -20.16 20.44 10.13
C THR D 74 -21.07 19.93 11.24
N VAL D 75 -20.89 20.48 12.44
CA VAL D 75 -21.72 20.23 13.61
C VAL D 75 -22.31 21.59 13.95
N GLY D 76 -23.64 21.70 13.88
CA GLY D 76 -24.32 22.92 14.24
C GLY D 76 -24.39 23.06 15.75
N LEU D 77 -24.24 24.31 16.26
CA LEU D 77 -24.29 24.55 17.70
C LEU D 77 -25.25 25.70 18.03
N ALA D 78 -26.14 25.52 19.03
CA ALA D 78 -27.04 26.55 19.53
C ALA D 78 -26.88 26.64 21.05
N PHE D 79 -26.74 27.85 21.60
CA PHE D 79 -26.63 28.05 23.05
C PHE D 79 -27.95 28.40 23.72
N ARG D 80 -28.07 28.07 25.01
CA ARG D 80 -29.25 28.43 25.77
C ARG D 80 -29.21 29.94 26.09
N ALA D 81 -30.30 30.65 25.76
CA ALA D 81 -30.52 32.09 25.96
C ALA D 81 -31.51 32.27 27.11
N ASP D 82 -31.00 32.61 28.29
CA ASP D 82 -31.80 32.75 29.52
C ASP D 82 -32.44 31.39 29.83
N ASP D 83 -33.78 31.22 29.79
CA ASP D 83 -34.36 29.89 30.08
C ASP D 83 -34.67 29.03 28.84
N THR D 84 -34.63 29.61 27.62
CA THR D 84 -34.90 28.91 26.36
C THR D 84 -33.68 28.91 25.43
N PHE D 85 -33.67 28.01 24.44
CA PHE D 85 -32.57 27.96 23.49
C PHE D 85 -32.79 28.89 22.33
N GLU D 86 -31.71 29.42 21.79
CA GLU D 86 -31.79 30.22 20.57
C GLU D 86 -32.04 29.25 19.40
N ALA D 87 -32.52 29.77 18.27
CA ALA D 87 -32.72 28.94 17.08
C ALA D 87 -31.33 28.65 16.48
N LEU D 88 -31.14 27.46 15.90
CA LEU D 88 -29.86 27.13 15.26
C LEU D 88 -29.66 28.11 14.12
N CYS D 89 -28.55 28.83 14.14
CA CYS D 89 -28.25 29.83 13.14
C CYS D 89 -26.76 29.78 12.80
N ILE D 90 -26.44 29.44 11.55
CA ILE D 90 -25.06 29.38 11.06
C ILE D 90 -24.98 30.38 9.92
N GLU D 91 -24.16 31.42 10.08
CA GLU D 91 -23.99 32.44 9.08
C GLU D 91 -23.14 31.84 7.95
N PRO D 92 -23.60 31.87 6.68
CA PRO D 92 -22.79 31.27 5.61
C PRO D 92 -21.49 32.01 5.36
N PHE D 93 -20.51 31.31 4.79
CA PHE D 93 -19.24 31.95 4.44
C PHE D 93 -19.49 32.80 3.20
N SER D 94 -18.51 33.61 2.81
CA SER D 94 -18.62 34.45 1.61
C SER D 94 -18.56 33.55 0.35
N SER D 95 -18.75 34.12 -0.84
CA SER D 95 -18.72 33.35 -2.08
C SER D 95 -17.54 33.80 -2.94
N PRO D 96 -16.92 32.88 -3.71
CA PRO D 96 -15.83 33.29 -4.60
C PRO D 96 -16.38 34.04 -5.83
N PRO D 97 -15.55 34.76 -6.60
CA PRO D 97 -16.08 35.42 -7.81
C PRO D 97 -16.42 34.40 -8.90
N GLU D 98 -16.93 34.88 -10.04
CA GLU D 98 -17.29 34.00 -11.17
C GLU D 98 -16.02 33.44 -11.79
N LEU D 99 -16.05 32.18 -12.24
CA LEU D 99 -14.88 31.51 -12.81
C LEU D 99 -14.44 32.24 -14.10
N PRO D 100 -13.16 32.66 -14.24
CA PRO D 100 -12.75 33.36 -15.48
C PRO D 100 -12.88 32.54 -16.76
N ASP D 101 -12.89 33.22 -17.92
CA ASP D 101 -13.02 32.57 -19.23
C ASP D 101 -11.82 31.67 -19.54
N VAL D 102 -10.62 32.05 -19.07
CA VAL D 102 -9.39 31.28 -19.29
C VAL D 102 -9.42 29.93 -18.52
N MET D 103 -10.02 29.92 -17.30
CA MET D 103 -10.13 28.69 -16.51
C MET D 103 -11.23 27.76 -17.03
N LYS D 104 -12.26 28.28 -17.76
CA LYS D 104 -13.33 27.44 -18.31
C LYS D 104 -12.81 26.53 -19.42
N GLU E 1 23.39 -3.47 53.17
CA GLU E 1 23.47 -3.29 54.62
C GLU E 1 22.99 -1.90 55.04
N LYS E 2 22.85 -1.69 56.37
CA LYS E 2 22.40 -0.41 56.95
C LYS E 2 23.30 0.77 56.59
N LEU E 3 22.71 1.96 56.41
CA LEU E 3 23.42 3.21 56.09
C LEU E 3 22.88 4.36 56.95
N SER E 4 23.71 5.38 57.19
CA SER E 4 23.37 6.54 58.02
C SER E 4 22.24 7.37 57.38
N PRO E 5 21.20 7.81 58.13
CA PRO E 5 20.11 8.58 57.51
C PRO E 5 20.49 9.96 56.95
N ASN E 6 19.73 10.40 55.93
CA ASN E 6 19.88 11.72 55.29
C ASN E 6 18.95 12.70 55.98
N PRO E 7 19.15 14.04 55.86
CA PRO E 7 18.20 14.98 56.47
C PRO E 7 16.78 14.78 55.89
N PRO E 8 15.70 14.94 56.68
CA PRO E 8 14.35 14.73 56.14
C PRO E 8 14.00 15.56 54.89
N ASN E 9 14.49 16.81 54.82
CA ASN E 9 14.25 17.72 53.69
C ASN E 9 14.92 17.16 52.40
N LEU E 10 16.09 16.51 52.54
CA LEU E 10 16.80 15.93 51.39
C LEU E 10 16.03 14.74 50.83
N THR E 11 15.63 13.79 51.68
CA THR E 11 14.86 12.61 51.28
C THR E 11 13.50 12.98 50.66
N LYS E 12 12.85 14.06 51.15
CA LYS E 12 11.56 14.53 50.63
C LYS E 12 11.74 15.06 49.21
N LYS E 13 12.77 15.90 48.99
CA LYS E 13 13.08 16.48 47.67
C LYS E 13 13.37 15.38 46.64
N MET E 14 14.11 14.32 47.04
CA MET E 14 14.41 13.18 46.16
C MET E 14 13.12 12.47 45.74
N LYS E 15 12.21 12.20 46.70
CA LYS E 15 10.92 11.54 46.42
C LYS E 15 10.03 12.39 45.51
N LYS E 16 9.99 13.73 45.72
CA LYS E 16 9.19 14.64 44.89
C LYS E 16 9.69 14.68 43.44
N ILE E 17 11.02 14.73 43.25
CA ILE E 17 11.62 14.75 41.90
C ILE E 17 11.31 13.46 41.15
N VAL E 18 11.60 12.30 41.77
CA VAL E 18 11.38 10.99 41.15
C VAL E 18 9.90 10.73 40.87
N ASP E 19 8.99 11.17 41.77
CA ASP E 19 7.54 10.98 41.54
C ASP E 19 7.10 11.79 40.32
N ALA E 20 7.57 13.05 40.18
CA ALA E 20 7.21 13.89 39.03
C ALA E 20 7.77 13.35 37.70
N VAL E 21 8.98 12.75 37.72
CA VAL E 21 9.58 12.16 36.52
C VAL E 21 8.81 10.88 36.15
N ILE E 22 8.44 10.07 37.19
CA ILE E 22 7.67 8.84 36.97
C ILE E 22 6.26 9.16 36.46
N LYS E 23 5.57 10.12 37.10
CA LYS E 23 4.21 10.48 36.71
C LYS E 23 4.12 11.37 35.45
N TYR E 24 5.27 11.89 34.92
CA TYR E 24 5.24 12.75 33.73
C TYR E 24 4.56 12.07 32.54
N LYS E 25 3.70 12.82 31.84
CA LYS E 25 2.96 12.36 30.67
C LYS E 25 3.24 13.28 29.50
N ASP E 26 3.13 12.77 28.25
CA ASP E 26 3.33 13.56 27.05
C ASP E 26 2.21 14.61 26.93
N SER E 27 2.54 15.83 26.46
CA SER E 27 1.58 16.93 26.36
C SER E 27 0.42 16.69 25.37
N SER E 28 0.67 15.96 24.28
CA SER E 28 -0.36 15.69 23.26
C SER E 28 -1.05 14.34 23.41
N SER E 29 -0.30 13.24 23.65
CA SER E 29 -0.85 11.89 23.75
C SER E 29 -1.21 11.42 25.18
N GLY E 30 -0.63 12.03 26.20
CA GLY E 30 -0.90 11.66 27.59
C GLY E 30 -0.27 10.34 28.04
N ARG E 31 0.73 9.82 27.29
CA ARG E 31 1.40 8.55 27.63
C ARG E 31 2.43 8.76 28.73
N GLN E 32 2.44 7.89 29.76
CA GLN E 32 3.42 7.96 30.85
C GLN E 32 4.77 7.42 30.31
N LEU E 33 5.73 8.32 30.02
CA LEU E 33 7.01 7.94 29.40
C LEU E 33 7.88 6.98 30.23
N SER E 34 7.76 7.04 31.57
CA SER E 34 8.57 6.19 32.47
C SER E 34 8.12 4.73 32.55
N GLU E 35 6.93 4.40 32.02
CA GLU E 35 6.33 3.06 32.06
C GLU E 35 7.33 1.92 31.86
N VAL E 36 8.02 1.90 30.72
CA VAL E 36 8.96 0.85 30.38
C VAL E 36 10.17 0.79 31.37
N PHE E 37 10.57 1.95 31.91
CA PHE E 37 11.70 2.10 32.81
C PHE E 37 11.45 1.77 34.28
N ILE E 38 10.19 1.48 34.68
CA ILE E 38 9.89 1.21 36.09
C ILE E 38 10.64 -0.01 36.60
N GLN E 39 10.57 -1.10 35.84
CA GLN E 39 11.19 -2.37 36.20
C GLN E 39 12.06 -2.88 35.05
N LEU E 40 13.29 -3.27 35.37
CA LEU E 40 14.25 -3.85 34.41
C LEU E 40 13.63 -5.12 33.84
N PRO E 41 13.97 -5.52 32.60
CA PRO E 41 13.50 -6.81 32.12
C PRO E 41 14.22 -7.92 32.89
N SER E 42 13.64 -9.09 32.92
CA SER E 42 14.22 -10.23 33.64
C SER E 42 15.54 -10.68 32.98
N ARG E 43 16.49 -11.19 33.79
CA ARG E 43 17.77 -11.72 33.27
C ARG E 43 17.52 -12.91 32.34
N LYS E 44 16.52 -13.74 32.68
CA LYS E 44 16.11 -14.89 31.87
C LYS E 44 15.43 -14.39 30.58
N GLU E 45 14.60 -13.33 30.69
CA GLU E 45 13.84 -12.80 29.54
C GLU E 45 14.71 -12.08 28.52
N LEU E 46 15.64 -11.23 28.99
CA LEU E 46 16.49 -10.48 28.08
C LEU E 46 17.95 -10.51 28.55
N PRO E 47 18.63 -11.67 28.37
CA PRO E 47 20.04 -11.77 28.78
C PRO E 47 20.98 -10.83 28.02
N GLU E 48 20.62 -10.48 26.77
CA GLU E 48 21.39 -9.57 25.90
C GLU E 48 21.54 -8.19 26.52
N TYR E 49 20.55 -7.77 27.32
CA TYR E 49 20.60 -6.50 28.03
C TYR E 49 21.74 -6.52 29.06
N TYR E 50 21.85 -7.63 29.82
CA TYR E 50 22.88 -7.79 30.87
C TYR E 50 24.27 -8.07 30.31
N GLU E 51 24.36 -8.62 29.09
CA GLU E 51 25.66 -8.83 28.44
C GLU E 51 26.30 -7.47 28.12
N LEU E 52 25.48 -6.47 27.76
CA LEU E 52 25.94 -5.13 27.36
C LEU E 52 25.99 -4.14 28.50
N ILE E 53 24.95 -4.09 29.34
CA ILE E 53 24.82 -3.10 30.39
C ILE E 53 25.46 -3.59 31.69
N ARG E 54 26.61 -3.01 32.04
CA ARG E 54 27.37 -3.38 33.24
C ARG E 54 26.74 -2.93 34.54
N LYS E 55 26.05 -1.76 34.58
CA LYS E 55 25.40 -1.26 35.80
C LYS E 55 23.91 -1.06 35.56
N PRO E 56 23.14 -2.17 35.47
CA PRO E 56 21.71 -2.02 35.20
C PRO E 56 20.97 -1.34 36.36
N VAL E 57 19.99 -0.50 36.02
CA VAL E 57 19.21 0.22 37.03
C VAL E 57 17.83 0.57 36.47
N ASP E 58 16.83 0.62 37.34
CA ASP E 58 15.45 0.98 36.99
C ASP E 58 14.88 1.92 38.05
N PHE E 59 13.70 2.51 37.80
CA PHE E 59 13.09 3.44 38.76
C PHE E 59 12.74 2.77 40.09
N LYS E 60 12.52 1.43 40.09
CA LYS E 60 12.29 0.66 41.31
C LYS E 60 13.56 0.71 42.19
N LYS E 61 14.75 0.49 41.59
CA LYS E 61 16.03 0.54 42.31
C LYS E 61 16.34 1.97 42.79
N ILE E 62 15.96 2.99 42.00
CA ILE E 62 16.19 4.40 42.36
C ILE E 62 15.37 4.76 43.60
N LYS E 63 14.07 4.38 43.65
CA LYS E 63 13.21 4.64 44.82
C LYS E 63 13.74 3.90 46.06
N GLU E 64 14.24 2.67 45.90
CA GLU E 64 14.83 1.88 46.98
C GLU E 64 16.09 2.59 47.52
N ARG E 65 16.92 3.12 46.62
CA ARG E 65 18.14 3.85 46.98
C ARG E 65 17.85 5.16 47.72
N ILE E 66 16.69 5.81 47.45
CA ILE E 66 16.27 7.02 48.17
C ILE E 66 15.90 6.58 49.59
N ARG E 67 15.05 5.55 49.71
CA ARG E 67 14.59 5.01 51.00
C ARG E 67 15.74 4.52 51.90
N ASN E 68 16.75 3.84 51.32
CA ASN E 68 17.90 3.33 52.07
C ASN E 68 19.07 4.34 52.24
N HIS E 69 18.89 5.61 51.81
CA HIS E 69 19.89 6.68 51.95
C HIS E 69 21.22 6.42 51.21
N LYS E 70 21.18 5.63 50.11
CA LYS E 70 22.37 5.34 49.28
C LYS E 70 22.83 6.65 48.63
N TYR E 71 21.87 7.48 48.21
CA TYR E 71 22.18 8.79 47.61
C TYR E 71 22.39 9.77 48.76
N ARG E 72 23.50 10.48 48.77
CA ARG E 72 23.83 11.46 49.81
C ARG E 72 23.51 12.90 49.36
N SER E 73 22.99 13.09 48.14
CA SER E 73 22.68 14.42 47.60
C SER E 73 21.77 14.32 46.36
N LEU E 74 21.31 15.48 45.84
CA LEU E 74 20.50 15.54 44.61
C LEU E 74 21.36 15.07 43.42
N ASN E 75 22.69 15.33 43.46
CA ASN E 75 23.61 14.93 42.39
C ASN E 75 23.79 13.41 42.30
N ASP E 76 23.82 12.71 43.45
CA ASP E 76 23.95 11.24 43.47
C ASP E 76 22.70 10.61 42.84
N LEU E 77 21.51 11.18 43.16
CA LEU E 77 20.24 10.73 42.57
C LEU E 77 20.28 10.97 41.06
N GLU E 78 20.65 12.20 40.64
CA GLU E 78 20.75 12.58 39.22
C GLU E 78 21.66 11.62 38.45
N LYS E 79 22.83 11.27 39.04
CA LYS E 79 23.77 10.32 38.40
C LYS E 79 23.08 8.99 38.06
N ASP E 80 22.29 8.44 38.98
CA ASP E 80 21.57 7.18 38.73
C ASP E 80 20.43 7.32 37.72
N VAL E 81 19.76 8.50 37.67
CA VAL E 81 18.70 8.74 36.69
C VAL E 81 19.34 8.85 35.30
N MET E 82 20.47 9.58 35.19
N MET E 82 20.48 9.57 35.20
CA MET E 82 21.19 9.73 33.91
CA MET E 82 21.25 9.72 33.96
C MET E 82 21.80 8.36 33.48
C MET E 82 21.74 8.34 33.51
N LEU E 83 22.27 7.53 34.44
CA LEU E 83 22.79 6.17 34.15
C LEU E 83 21.68 5.31 33.53
N LEU E 84 20.50 5.32 34.15
CA LEU E 84 19.34 4.59 33.65
C LEU E 84 19.02 4.99 32.21
N CYS E 85 18.95 6.30 31.94
CA CYS E 85 18.64 6.84 30.62
C CYS E 85 19.75 6.53 29.61
N GLN E 86 21.03 6.62 30.03
CA GLN E 86 22.16 6.27 29.16
C GLN E 86 22.16 4.76 28.83
N ASN E 87 21.83 3.90 29.82
CA ASN E 87 21.71 2.44 29.59
C ASN E 87 20.65 2.12 28.55
N ALA E 88 19.47 2.76 28.64
CA ALA E 88 18.39 2.57 27.67
C ALA E 88 18.82 3.05 26.28
N GLN E 89 19.59 4.15 26.20
CA GLN E 89 20.06 4.67 24.92
C GLN E 89 21.09 3.75 24.30
N THR E 90 22.05 3.29 25.10
CA THR E 90 23.11 2.39 24.64
C THR E 90 22.53 1.06 24.16
N PHE E 91 21.57 0.50 24.89
CA PHE E 91 20.97 -0.78 24.48
C PHE E 91 20.11 -0.66 23.24
N ASN E 92 19.16 0.28 23.23
CA ASN E 92 18.17 0.40 22.15
C ASN E 92 18.62 1.19 20.94
N LEU E 93 19.55 2.15 21.11
CA LEU E 93 20.11 2.97 20.03
C LEU E 93 19.13 3.98 19.44
N GLU E 94 19.68 5.01 18.75
CA GLU E 94 18.90 6.08 18.11
C GLU E 94 17.88 5.50 17.14
N GLY E 95 16.78 6.24 16.95
CA GLY E 95 15.68 5.84 16.07
C GLY E 95 14.58 5.10 16.79
N SER E 96 14.82 4.70 18.06
CA SER E 96 13.82 3.96 18.83
C SER E 96 13.05 4.94 19.71
N LEU E 97 11.75 4.69 19.92
CA LEU E 97 10.93 5.54 20.76
C LEU E 97 11.46 5.55 22.20
N ILE E 98 11.85 4.37 22.71
CA ILE E 98 12.45 4.22 24.05
C ILE E 98 13.71 5.09 24.22
N TYR E 99 14.57 5.20 23.18
CA TYR E 99 15.75 6.07 23.20
C TYR E 99 15.28 7.52 23.35
N GLU E 100 14.30 7.95 22.52
CA GLU E 100 13.77 9.32 22.59
C GLU E 100 13.05 9.61 23.92
N ASP E 101 12.32 8.63 24.48
CA ASP E 101 11.65 8.81 25.78
C ASP E 101 12.65 9.06 26.90
N SER E 102 13.77 8.30 26.90
CA SER E 102 14.79 8.49 27.93
C SER E 102 15.42 9.90 27.83
N ILE E 103 15.57 10.48 26.61
CA ILE E 103 16.11 11.83 26.41
C ILE E 103 15.15 12.85 27.05
N VAL E 104 13.82 12.68 26.83
CA VAL E 104 12.82 13.57 27.42
C VAL E 104 12.85 13.43 28.94
N LEU E 105 12.92 12.20 29.48
CA LEU E 105 12.96 12.00 30.93
C LEU E 105 14.18 12.65 31.61
N GLN E 106 15.36 12.70 30.92
CA GLN E 106 16.55 13.38 31.44
C GLN E 106 16.27 14.88 31.54
N SER E 107 15.56 15.45 30.54
CA SER E 107 15.19 16.86 30.53
C SER E 107 14.10 17.16 31.57
N VAL E 108 13.14 16.22 31.77
CA VAL E 108 12.09 16.38 32.78
C VAL E 108 12.74 16.39 34.16
N PHE E 109 13.73 15.51 34.42
CA PHE E 109 14.45 15.48 35.69
C PHE E 109 15.06 16.85 36.02
N THR E 110 15.72 17.48 35.03
CA THR E 110 16.37 18.80 35.22
C THR E 110 15.36 19.92 35.47
N SER E 111 14.25 19.99 34.70
CA SER E 111 13.23 21.02 34.86
C SER E 111 12.53 20.90 36.22
N VAL E 112 12.17 19.68 36.60
CA VAL E 112 11.54 19.39 37.90
C VAL E 112 12.52 19.72 39.05
N ARG E 113 13.81 19.36 38.92
CA ARG E 113 14.82 19.64 39.95
C ARG E 113 14.98 21.15 40.19
N GLN E 114 15.01 21.95 39.12
CA GLN E 114 15.12 23.41 39.25
C GLN E 114 13.88 24.01 39.93
N LYS E 115 12.68 23.45 39.68
CA LYS E 115 11.43 23.89 40.29
C LYS E 115 11.41 23.57 41.80
N ILE E 116 11.77 22.33 42.17
CA ILE E 116 11.78 21.88 43.58
C ILE E 116 12.87 22.60 44.40
N GLU E 117 14.03 22.93 43.79
CA GLU E 117 15.07 23.68 44.51
C GLU E 117 14.64 25.13 44.79
N LYS E 118 13.81 25.72 43.90
CA LYS E 118 13.30 27.09 44.06
C LYS E 118 12.22 27.20 45.15
N GLU E 119 11.49 26.09 45.46
CA GLU E 119 10.44 26.09 46.49
C GLU E 119 11.03 26.33 47.88
N ASP E 120 12.11 25.59 48.22
CA ASP E 120 12.78 25.75 49.53
C ASP E 120 13.63 27.02 49.59
N PRO F 1 19.19 -22.32 15.73
CA PRO F 1 18.14 -22.47 14.70
C PRO F 1 18.44 -21.66 13.44
N VAL F 2 18.02 -22.16 12.26
CA VAL F 2 18.27 -21.43 11.02
C VAL F 2 17.38 -20.18 10.96
N LEU F 3 16.09 -20.28 11.37
CA LEU F 3 15.18 -19.14 11.34
C LEU F 3 15.19 -18.44 12.71
N ARG F 4 15.96 -17.36 12.81
CA ARG F 4 16.05 -16.55 14.01
C ARG F 4 16.50 -15.13 13.64
N SER F 5 16.32 -14.20 14.57
CA SER F 5 16.84 -12.85 14.40
C SER F 5 18.29 -12.88 14.85
N VAL F 6 19.12 -12.01 14.28
CA VAL F 6 20.52 -11.87 14.68
C VAL F 6 20.55 -10.69 15.64
N ASN F 7 21.35 -10.77 16.71
CA ASN F 7 21.51 -9.64 17.63
C ASN F 7 22.53 -8.70 16.99
N SER F 8 22.10 -8.02 15.91
CA SER F 8 22.99 -7.15 15.12
C SER F 8 23.30 -5.84 15.81
N ARG F 9 22.36 -5.27 16.58
CA ARG F 9 22.50 -3.96 17.22
C ARG F 9 22.71 -2.84 16.16
N GLU F 10 22.06 -2.99 15.00
CA GLU F 10 22.16 -2.05 13.90
C GLU F 10 20.75 -1.56 13.56
N PRO F 11 20.37 -0.33 13.96
CA PRO F 11 18.97 0.13 13.76
C PRO F 11 18.46 0.10 12.32
N SER F 12 17.16 -0.19 12.16
CA SER F 12 16.49 -0.21 10.85
C SER F 12 15.03 0.24 11.07
N GLN F 13 14.64 1.38 10.48
CA GLN F 13 13.28 1.91 10.54
C GLN F 13 12.47 1.14 9.49
N VAL F 14 11.32 0.61 9.89
CA VAL F 14 10.44 -0.18 9.03
C VAL F 14 9.04 0.40 9.03
N ILE F 15 8.32 0.30 7.90
CA ILE F 15 6.93 0.70 7.84
C ILE F 15 6.13 -0.59 7.68
N PHE F 16 5.27 -0.91 8.66
CA PHE F 16 4.37 -2.07 8.56
C PHE F 16 3.08 -1.52 7.98
N CYS F 17 2.65 -2.06 6.84
CA CYS F 17 1.42 -1.58 6.22
C CYS F 17 0.47 -2.72 6.01
N ASN F 18 -0.67 -2.69 6.74
CA ASN F 18 -1.66 -3.74 6.65
C ASN F 18 -2.60 -3.46 5.49
N ARG F 19 -2.30 -4.09 4.34
CA ARG F 19 -3.14 -4.01 3.15
C ARG F 19 -3.90 -5.33 2.96
N SER F 20 -4.44 -5.85 4.06
CA SER F 20 -5.27 -7.04 4.08
C SER F 20 -6.58 -6.62 4.79
N PRO F 21 -7.67 -7.39 4.63
CA PRO F 21 -8.90 -7.08 5.37
C PRO F 21 -8.91 -7.68 6.78
N ARG F 22 -7.77 -8.25 7.25
CA ARG F 22 -7.65 -8.88 8.56
C ARG F 22 -6.98 -7.97 9.57
N VAL F 23 -7.23 -8.24 10.86
CA VAL F 23 -6.50 -7.59 11.95
C VAL F 23 -5.18 -8.37 11.94
N VAL F 24 -4.05 -7.67 11.76
CA VAL F 24 -2.75 -8.33 11.65
C VAL F 24 -2.00 -8.41 12.95
N LEU F 25 -1.41 -9.59 13.21
CA LEU F 25 -0.54 -9.83 14.33
C LEU F 25 0.90 -9.90 13.78
N PRO F 26 1.75 -8.87 13.98
CA PRO F 26 3.17 -9.01 13.62
C PRO F 26 3.83 -9.99 14.60
N VAL F 27 4.65 -10.92 14.10
CA VAL F 27 5.34 -11.90 14.91
C VAL F 27 6.83 -11.71 14.71
N TRP F 28 7.58 -11.46 15.80
CA TRP F 28 9.04 -11.30 15.76
C TRP F 28 9.70 -12.58 16.27
N LEU F 29 10.64 -13.17 15.49
CA LEU F 29 11.38 -14.34 15.95
C LEU F 29 12.55 -13.82 16.76
N ASN F 30 12.68 -14.23 18.04
CA ASN F 30 13.74 -13.71 18.88
C ASN F 30 15.13 -14.32 18.51
N PHE F 31 16.16 -14.08 19.34
CA PHE F 31 17.51 -14.57 19.03
C PHE F 31 17.67 -16.09 19.16
N ASP F 32 16.66 -16.80 19.70
CA ASP F 32 16.62 -18.25 19.77
C ASP F 32 15.56 -18.81 18.79
N GLY F 33 15.08 -17.98 17.86
CA GLY F 33 14.08 -18.38 16.87
C GLY F 33 12.67 -18.61 17.39
N GLU F 34 12.36 -18.10 18.59
CA GLU F 34 11.05 -18.30 19.22
C GLU F 34 10.11 -17.14 18.87
N PRO F 35 8.90 -17.42 18.34
CA PRO F 35 8.02 -16.32 17.91
C PRO F 35 7.43 -15.49 19.06
N GLN F 36 7.47 -14.16 18.91
CA GLN F 36 6.99 -13.21 19.91
C GLN F 36 5.85 -12.38 19.32
N PRO F 37 4.65 -12.35 19.94
CA PRO F 37 3.56 -11.53 19.39
C PRO F 37 3.78 -10.04 19.65
N TYR F 38 3.46 -9.19 18.67
CA TYR F 38 3.63 -7.73 18.80
C TYR F 38 2.26 -7.05 18.69
N PRO F 39 2.14 -5.72 18.99
CA PRO F 39 0.81 -5.07 18.90
C PRO F 39 0.14 -5.23 17.54
N THR F 40 -1.18 -5.43 17.53
CA THR F 40 -1.92 -5.68 16.28
C THR F 40 -2.13 -4.44 15.42
N LEU F 41 -2.41 -4.67 14.12
CA LEU F 41 -2.64 -3.61 13.13
C LEU F 41 -4.04 -3.77 12.55
N PRO F 42 -4.96 -2.80 12.71
CA PRO F 42 -6.29 -2.97 12.10
C PRO F 42 -6.22 -2.93 10.57
N PRO F 43 -7.25 -3.40 9.84
CA PRO F 43 -7.19 -3.35 8.37
C PRO F 43 -6.97 -1.94 7.82
N GLY F 44 -6.07 -1.82 6.84
CA GLY F 44 -5.79 -0.54 6.20
C GLY F 44 -4.89 0.42 6.96
N THR F 45 -4.35 0.05 8.15
CA THR F 45 -3.48 0.98 8.87
C THR F 45 -2.02 0.71 8.56
N GLY F 46 -1.22 1.74 8.72
CA GLY F 46 0.22 1.70 8.57
C GLY F 46 0.88 2.30 9.79
N ARG F 47 2.06 1.78 10.16
CA ARG F 47 2.80 2.28 11.32
C ARG F 47 4.28 2.19 11.05
N ARG F 48 4.99 3.28 11.33
CA ARG F 48 6.43 3.29 11.21
C ARG F 48 6.96 2.74 12.56
N ILE F 49 7.71 1.64 12.51
CA ILE F 49 8.26 0.99 13.70
C ILE F 49 9.77 0.93 13.60
N HIS F 50 10.43 0.77 14.75
CA HIS F 50 11.88 0.62 14.83
C HIS F 50 12.20 -0.87 15.02
N SER F 51 13.14 -1.37 14.21
CA SER F 51 13.60 -2.76 14.26
C SER F 51 15.12 -2.72 14.02
N TYR F 52 15.76 -3.86 13.71
CA TYR F 52 17.21 -3.88 13.51
C TYR F 52 17.57 -4.77 12.34
N ARG F 53 18.80 -4.61 11.79
N ARG F 53 18.79 -4.61 11.82
CA ARG F 53 19.26 -5.43 10.66
CA ARG F 53 19.29 -5.39 10.69
C ARG F 53 19.26 -6.90 11.06
C ARG F 53 19.29 -6.89 11.04
N GLY F 54 18.84 -7.75 10.14
CA GLY F 54 18.81 -9.18 10.38
C GLY F 54 17.75 -9.65 11.36
N HIS F 55 16.76 -8.81 11.71
CA HIS F 55 15.67 -9.22 12.59
C HIS F 55 14.58 -9.82 11.73
N LEU F 56 14.09 -11.01 12.10
CA LEU F 56 13.15 -11.79 11.28
C LEU F 56 11.70 -11.67 11.76
N TRP F 57 10.78 -11.37 10.81
CA TRP F 57 9.37 -11.19 11.07
C TRP F 57 8.47 -12.04 10.20
N LEU F 58 7.27 -12.29 10.70
CA LEU F 58 6.19 -12.92 9.96
C LEU F 58 4.90 -12.31 10.45
N PHE F 59 3.81 -12.49 9.69
CA PHE F 59 2.55 -11.83 9.97
C PHE F 59 1.39 -12.82 9.84
N ARG F 60 0.46 -12.76 10.80
CA ARG F 60 -0.71 -13.64 10.86
C ARG F 60 -1.97 -12.83 11.09
N ASP F 61 -3.15 -13.47 10.93
CA ASP F 61 -4.43 -12.88 11.30
C ASP F 61 -4.41 -12.95 12.86
N ALA F 62 -4.67 -11.84 13.56
CA ALA F 62 -4.61 -11.84 15.05
C ALA F 62 -5.65 -12.74 15.73
N GLY F 63 -6.83 -12.89 15.15
CA GLY F 63 -7.88 -13.73 15.71
C GLY F 63 -7.74 -15.21 15.44
N THR F 64 -7.42 -15.59 14.20
CA THR F 64 -7.36 -17.00 13.76
C THR F 64 -5.97 -17.58 13.55
N HIS F 65 -4.91 -16.74 13.49
CA HIS F 65 -3.53 -17.13 13.24
C HIS F 65 -3.29 -17.67 11.81
N ASP F 66 -4.17 -17.33 10.83
CA ASP F 66 -3.99 -17.69 9.42
C ASP F 66 -2.72 -16.96 8.95
N GLY F 67 -1.92 -17.62 8.14
CA GLY F 67 -0.69 -17.04 7.63
C GLY F 67 -0.91 -15.96 6.60
N LEU F 68 -0.13 -14.86 6.67
CA LEU F 68 -0.21 -13.76 5.71
C LEU F 68 1.13 -13.60 4.98
N LEU F 69 1.13 -12.76 3.93
CA LEU F 69 2.33 -12.47 3.16
C LEU F 69 2.82 -11.08 3.51
N VAL F 70 4.10 -10.86 3.29
CA VAL F 70 4.75 -9.56 3.48
C VAL F 70 5.66 -9.38 2.26
N ASN F 71 5.39 -8.37 1.43
CA ASN F 71 6.15 -8.15 0.18
C ASN F 71 6.15 -9.41 -0.70
N GLN F 72 4.97 -10.08 -0.78
CA GLN F 72 4.71 -11.28 -1.58
C GLN F 72 5.40 -12.56 -1.10
N THR F 73 5.94 -12.60 0.13
CA THR F 73 6.60 -13.79 0.64
C THR F 73 6.23 -13.96 2.12
N GLU F 74 6.66 -15.09 2.70
N GLU F 74 6.62 -15.09 2.73
CA GLU F 74 6.32 -15.48 4.07
CA GLU F 74 6.23 -15.38 4.12
C GLU F 74 7.07 -14.73 5.15
C GLU F 74 7.07 -14.71 5.18
N LEU F 75 8.37 -14.50 4.91
CA LEU F 75 9.27 -13.87 5.90
C LEU F 75 9.72 -12.48 5.48
N PHE F 76 10.08 -11.66 6.47
CA PHE F 76 10.58 -10.32 6.23
C PHE F 76 11.77 -10.05 7.13
N VAL F 77 12.91 -9.75 6.51
CA VAL F 77 14.13 -9.33 7.19
C VAL F 77 14.42 -7.95 6.59
N PRO F 78 14.40 -6.84 7.35
CA PRO F 78 14.60 -5.53 6.70
C PRO F 78 15.87 -5.42 5.88
N SER F 79 15.68 -5.15 4.57
CA SER F 79 16.79 -4.94 3.64
C SER F 79 17.64 -3.72 4.11
N LEU F 80 18.93 -3.67 3.70
CA LEU F 80 19.88 -2.60 4.11
C LEU F 80 19.37 -1.14 4.03
N ASN F 81 19.20 -0.47 5.19
CA ASN F 81 18.70 0.93 5.27
C ASN F 81 19.67 1.93 4.61
N VAL F 82 19.30 2.45 3.42
CA VAL F 82 20.18 3.30 2.61
C VAL F 82 19.85 4.76 2.87
N ASP F 83 20.84 5.55 3.34
CA ASP F 83 20.72 7.00 3.59
C ASP F 83 19.44 7.40 4.34
N GLY F 84 19.17 6.73 5.45
CA GLY F 84 18.00 6.97 6.29
C GLY F 84 16.64 6.65 5.67
N GLN F 85 16.59 5.90 4.55
CA GLN F 85 15.31 5.56 3.90
C GLN F 85 14.59 4.44 4.67
N PRO F 86 13.33 4.61 5.13
CA PRO F 86 12.62 3.50 5.79
C PRO F 86 12.41 2.29 4.88
N ILE F 87 12.37 1.09 5.46
CA ILE F 87 12.11 -0.15 4.71
C ILE F 87 10.61 -0.44 4.78
N PHE F 88 9.96 -0.67 3.64
CA PHE F 88 8.53 -0.91 3.62
C PHE F 88 8.16 -2.41 3.67
N ALA F 89 7.19 -2.78 4.54
CA ALA F 89 6.66 -4.13 4.68
C ALA F 89 5.16 -4.09 4.36
N ASN F 90 4.84 -4.44 3.11
CA ASN F 90 3.47 -4.47 2.62
C ASN F 90 2.84 -5.80 2.98
N ILE F 91 1.93 -5.80 3.97
CA ILE F 91 1.30 -7.03 4.45
C ILE F 91 -0.02 -7.25 3.69
N THR F 92 -0.18 -8.43 3.08
CA THR F 92 -1.38 -8.76 2.29
C THR F 92 -1.82 -10.19 2.58
N LEU F 93 -2.99 -10.55 2.05
CA LEU F 93 -3.45 -11.93 2.13
C LEU F 93 -2.61 -12.71 1.12
N PRO F 94 -2.34 -14.01 1.32
CA PRO F 94 -1.84 -14.83 0.21
C PRO F 94 -3.07 -15.27 -0.61
N VAL F 95 -2.82 -16.01 -1.69
CA VAL F 95 -3.90 -16.67 -2.41
C VAL F 95 -3.97 -18.01 -1.68
N TYR F 96 -4.93 -18.17 -0.76
CA TYR F 96 -5.06 -19.43 -0.03
C TYR F 96 -5.61 -20.47 -0.97
N THR F 97 -5.45 -21.76 -0.63
CA THR F 97 -6.09 -22.81 -1.45
C THR F 97 -7.60 -22.71 -1.17
N LEU F 98 -8.43 -23.18 -2.08
CA LEU F 98 -9.87 -23.17 -1.84
C LEU F 98 -10.18 -23.98 -0.57
N LYS F 99 -9.56 -25.16 -0.42
CA LYS F 99 -9.72 -26.02 0.76
C LYS F 99 -9.39 -25.27 2.05
N GLU F 100 -8.23 -24.56 2.09
CA GLU F 100 -7.84 -23.82 3.28
C GLU F 100 -8.82 -22.70 3.56
N ARG F 101 -9.21 -21.94 2.51
CA ARG F 101 -10.16 -20.85 2.66
C ARG F 101 -11.54 -21.36 3.16
N CYS F 102 -11.98 -22.55 2.71
CA CYS F 102 -13.23 -23.14 3.19
C CYS F 102 -13.10 -23.50 4.68
N LEU F 103 -11.95 -24.08 5.11
CA LEU F 103 -11.72 -24.42 6.52
C LEU F 103 -11.74 -23.15 7.43
N GLN F 104 -11.20 -22.03 6.94
CA GLN F 104 -11.23 -20.76 7.69
C GLN F 104 -12.67 -20.32 7.93
N VAL F 105 -13.48 -20.30 6.87
CA VAL F 105 -14.87 -19.88 6.98
C VAL F 105 -15.67 -20.81 7.90
N VAL F 106 -15.47 -22.14 7.82
CA VAL F 106 -16.18 -23.10 8.67
C VAL F 106 -15.75 -22.93 10.15
N ARG F 107 -14.44 -22.71 10.41
CA ARG F 107 -13.94 -22.48 11.79
C ARG F 107 -14.55 -21.20 12.39
N SER F 108 -14.77 -20.15 11.56
CA SER F 108 -15.32 -18.88 12.04
C SER F 108 -16.82 -18.97 12.42
N LEU F 109 -17.57 -19.94 11.85
CA LEU F 109 -19.00 -20.11 12.08
C LEU F 109 -19.34 -21.20 13.12
N VAL F 110 -18.53 -22.26 13.21
CA VAL F 110 -18.76 -23.41 14.10
C VAL F 110 -17.77 -23.38 15.26
N LYS F 111 -18.25 -23.66 16.50
CA LYS F 111 -17.38 -23.71 17.69
C LYS F 111 -16.56 -25.00 17.69
N PRO F 112 -15.37 -25.05 18.32
CA PRO F 112 -14.58 -26.30 18.32
C PRO F 112 -15.30 -27.55 18.85
N GLU F 113 -16.15 -27.39 19.88
CA GLU F 113 -16.93 -28.49 20.45
C GLU F 113 -18.00 -29.04 19.48
N ASN F 114 -18.48 -28.23 18.53
CA ASN F 114 -19.52 -28.61 17.56
C ASN F 114 -18.98 -28.97 16.15
N TYR F 115 -17.67 -29.28 16.00
CA TYR F 115 -17.11 -29.66 14.69
C TYR F 115 -17.58 -31.03 14.22
N ARG F 116 -17.59 -32.02 15.14
CA ARG F 116 -17.99 -33.39 14.80
C ARG F 116 -19.51 -33.58 14.64
N ARG F 117 -20.33 -32.55 14.94
CA ARG F 117 -21.79 -32.61 14.72
C ARG F 117 -22.17 -32.22 13.27
N LEU F 118 -21.21 -31.70 12.46
CA LEU F 118 -21.49 -31.30 11.07
C LEU F 118 -21.66 -32.51 10.16
N ASP F 119 -22.43 -32.35 9.08
CA ASP F 119 -22.68 -33.42 8.10
C ASP F 119 -21.55 -33.36 7.04
N ILE F 120 -20.35 -33.83 7.46
CA ILE F 120 -19.10 -33.81 6.69
C ILE F 120 -18.33 -35.14 6.91
N VAL F 121 -17.47 -35.55 5.94
CA VAL F 121 -16.66 -36.78 6.04
C VAL F 121 -15.63 -36.66 7.18
N ARG F 122 -15.29 -37.79 7.81
CA ARG F 122 -14.36 -37.86 8.95
C ARG F 122 -12.94 -37.32 8.67
N SER F 123 -12.47 -37.35 7.41
CA SER F 123 -11.14 -36.83 7.04
C SER F 123 -11.05 -35.30 7.23
N LEU F 124 -12.16 -34.57 7.05
CA LEU F 124 -12.18 -33.11 7.17
C LEU F 124 -12.22 -32.60 8.63
N TYR F 125 -12.66 -33.40 9.61
CA TYR F 125 -12.64 -32.97 11.02
C TYR F 125 -11.18 -32.83 11.50
N GLU F 126 -10.28 -33.68 10.98
CA GLU F 126 -8.85 -33.65 11.28
C GLU F 126 -8.22 -32.35 10.75
N ASP F 127 -8.62 -31.94 9.53
CA ASP F 127 -8.12 -30.70 8.90
C ASP F 127 -8.67 -29.46 9.62
N LEU F 128 -9.96 -29.50 9.99
CA LEU F 128 -10.63 -28.39 10.69
C LEU F 128 -10.08 -28.19 12.10
N GLU F 129 -9.70 -29.29 12.79
CA GLU F 129 -9.09 -29.20 14.13
C GLU F 129 -7.61 -28.79 14.06
N ASP F 130 -6.92 -29.06 12.93
CA ASP F 130 -5.52 -28.69 12.72
C ASP F 130 -5.46 -27.18 12.35
N HIS F 131 -5.65 -26.31 13.36
CA HIS F 131 -5.67 -24.86 13.18
C HIS F 131 -4.31 -24.35 12.70
N PRO F 132 -4.27 -23.23 11.93
CA PRO F 132 -2.97 -22.69 11.51
C PRO F 132 -2.11 -22.35 12.72
N ASN F 133 -0.83 -22.71 12.66
CA ASN F 133 0.10 -22.54 13.77
C ASN F 133 1.43 -21.99 13.28
N VAL F 134 1.98 -20.97 13.96
CA VAL F 134 3.26 -20.36 13.58
C VAL F 134 4.38 -21.40 13.67
N GLN F 135 4.40 -22.20 14.75
CA GLN F 135 5.42 -23.22 14.98
C GLN F 135 5.49 -24.27 13.87
N LYS F 136 4.33 -24.72 13.36
CA LYS F 136 4.26 -25.70 12.27
C LYS F 136 4.76 -25.07 10.95
N ASP F 137 4.44 -23.78 10.71
CA ASP F 137 4.92 -23.08 9.51
C ASP F 137 6.42 -22.81 9.57
N LEU F 138 6.99 -22.58 10.78
CA LEU F 138 8.43 -22.38 10.94
C LEU F 138 9.19 -23.67 10.59
N GLU F 139 8.64 -24.85 10.97
CA GLU F 139 9.24 -26.16 10.62
C GLU F 139 9.26 -26.33 9.10
N ARG F 140 8.11 -26.10 8.44
CA ARG F 140 7.99 -26.20 6.99
C ARG F 140 8.99 -25.26 6.30
N LEU F 141 9.04 -23.98 6.74
CA LEU F 141 9.97 -23.00 6.19
C LEU F 141 11.44 -23.36 6.46
N THR F 142 11.74 -23.96 7.63
CA THR F 142 13.10 -24.40 7.98
C THR F 142 13.55 -25.51 7.03
N GLN F 143 12.69 -26.53 6.81
CA GLN F 143 12.98 -27.64 5.89
C GLN F 143 13.17 -27.14 4.46
N GLU F 144 12.35 -26.17 4.01
CA GLU F 144 12.49 -25.58 2.67
C GLU F 144 13.85 -24.88 2.54
N ARG F 145 14.32 -24.18 3.61
CA ARG F 145 15.63 -23.51 3.60
C ARG F 145 16.78 -24.54 3.60
N ILE F 146 16.64 -25.67 4.31
CA ILE F 146 17.65 -26.73 4.34
C ILE F 146 17.75 -27.38 2.94
N ALA F 147 16.61 -27.60 2.26
CA ALA F 147 16.58 -28.17 0.91
C ALA F 147 17.24 -27.23 -0.11
N HIS F 148 17.07 -25.90 0.08
CA HIS F 148 17.67 -24.86 -0.77
C HIS F 148 19.18 -24.73 -0.48
N GLN F 149 19.55 -24.54 0.81
CA GLN F 149 20.95 -24.39 1.22
C GLN F 149 21.69 -25.72 1.10
N MET G 1 -6.75 -19.81 -27.73
CA MET G 1 -7.18 -19.98 -26.34
C MET G 1 -7.97 -21.29 -26.23
N MET G 2 -7.40 -22.29 -25.52
CA MET G 2 -8.07 -23.59 -25.33
C MET G 2 -8.98 -23.52 -24.11
N TYR G 3 -10.19 -24.10 -24.23
CA TYR G 3 -11.19 -24.16 -23.17
C TYR G 3 -11.53 -25.61 -22.87
N VAL G 4 -12.06 -25.86 -21.67
CA VAL G 4 -12.51 -27.17 -21.23
C VAL G 4 -13.94 -27.04 -20.69
N LYS G 5 -14.70 -28.14 -20.66
CA LYS G 5 -16.08 -28.15 -20.19
C LYS G 5 -16.19 -28.96 -18.91
N LEU G 6 -16.73 -28.37 -17.84
CA LEU G 6 -16.93 -29.02 -16.55
C LEU G 6 -18.43 -29.10 -16.34
N ILE G 7 -18.97 -30.32 -16.16
CA ILE G 7 -20.41 -30.53 -16.03
C ILE G 7 -20.76 -30.90 -14.60
N SER G 8 -21.74 -30.19 -14.00
CA SER G 8 -22.17 -30.45 -12.62
C SER G 8 -23.11 -31.66 -12.54
N SER G 9 -23.48 -32.08 -11.31
CA SER G 9 -24.40 -33.21 -11.08
C SER G 9 -25.80 -32.97 -11.67
N ASP G 10 -26.26 -31.71 -11.66
CA ASP G 10 -27.58 -31.29 -12.19
C ASP G 10 -27.55 -30.85 -13.68
N GLY G 11 -26.47 -31.15 -14.42
CA GLY G 11 -26.40 -30.87 -15.85
C GLY G 11 -25.96 -29.50 -16.33
N HIS G 12 -25.49 -28.60 -15.43
CA HIS G 12 -25.01 -27.28 -15.88
C HIS G 12 -23.60 -27.46 -16.46
N GLU G 13 -23.33 -26.83 -17.62
CA GLU G 13 -22.04 -26.92 -18.31
C GLU G 13 -21.27 -25.62 -18.08
N PHE G 14 -20.06 -25.74 -17.51
CA PHE G 14 -19.19 -24.60 -17.23
C PHE G 14 -18.01 -24.65 -18.18
N ILE G 15 -17.91 -23.67 -19.08
CA ILE G 15 -16.81 -23.61 -20.05
C ILE G 15 -15.78 -22.64 -19.47
N VAL G 16 -14.59 -23.16 -19.13
CA VAL G 16 -13.51 -22.40 -18.51
C VAL G 16 -12.21 -22.60 -19.28
N LYS G 17 -11.29 -21.63 -19.19
CA LYS G 17 -9.98 -21.75 -19.84
C LYS G 17 -9.24 -22.97 -19.28
N ARG G 18 -8.62 -23.76 -20.16
CA ARG G 18 -7.88 -24.98 -19.78
C ARG G 18 -6.88 -24.68 -18.67
N GLU G 19 -6.10 -23.61 -18.84
CA GLU G 19 -5.05 -23.18 -17.89
C GLU G 19 -5.64 -22.88 -16.50
N HIS G 20 -6.89 -22.37 -16.45
CA HIS G 20 -7.56 -22.07 -15.19
C HIS G 20 -8.07 -23.36 -14.52
N ALA G 21 -8.67 -24.29 -15.29
CA ALA G 21 -9.14 -25.58 -14.76
C ALA G 21 -7.99 -26.42 -14.17
N LEU G 22 -6.76 -26.30 -14.72
CA LEU G 22 -5.59 -27.04 -14.21
C LEU G 22 -5.20 -26.65 -12.77
N THR G 23 -5.78 -25.54 -12.21
CA THR G 23 -5.63 -25.15 -10.79
C THR G 23 -5.97 -26.34 -9.88
N SER G 24 -6.97 -27.14 -10.29
CA SER G 24 -7.38 -28.34 -9.57
C SER G 24 -6.45 -29.52 -9.95
N GLY G 25 -5.86 -30.16 -8.94
CA GLY G 25 -5.00 -31.32 -9.12
C GLY G 25 -5.75 -32.53 -9.64
N THR G 26 -7.02 -32.71 -9.20
CA THR G 26 -7.89 -33.81 -9.67
C THR G 26 -8.21 -33.61 -11.16
N ILE G 27 -8.52 -32.37 -11.60
CA ILE G 27 -8.78 -32.06 -13.01
C ILE G 27 -7.46 -32.20 -13.82
N LYS G 28 -6.32 -31.79 -13.24
CA LYS G 28 -5.00 -31.91 -13.88
C LYS G 28 -4.70 -33.39 -14.17
N ALA G 29 -4.95 -34.28 -13.19
CA ALA G 29 -4.77 -35.73 -13.33
C ALA G 29 -5.75 -36.34 -14.33
N MET G 30 -7.03 -35.89 -14.28
CA MET G 30 -8.11 -36.34 -15.18
C MET G 30 -7.81 -36.11 -16.65
N LEU G 31 -7.10 -35.03 -16.98
CA LEU G 31 -6.81 -34.64 -18.36
C LEU G 31 -5.29 -34.43 -18.59
N SER G 32 -4.55 -35.55 -18.62
CA SER G 32 -3.10 -35.57 -18.84
C SER G 32 -2.66 -36.86 -19.52
N ASN G 43 -11.03 -32.78 -22.91
CA ASN G 43 -11.64 -31.44 -22.87
C ASN G 43 -12.93 -31.39 -22.02
N GLU G 44 -13.61 -32.53 -21.79
CA GLU G 44 -14.86 -32.57 -21.02
C GLU G 44 -14.69 -33.37 -19.72
N VAL G 45 -15.29 -32.90 -18.61
CA VAL G 45 -15.24 -33.57 -17.31
C VAL G 45 -16.63 -33.52 -16.64
N ASN G 46 -17.20 -34.69 -16.28
CA ASN G 46 -18.50 -34.76 -15.61
C ASN G 46 -18.31 -34.98 -14.10
N PHE G 47 -19.04 -34.22 -13.26
CA PHE G 47 -18.98 -34.33 -11.81
C PHE G 47 -20.35 -34.74 -11.30
N ARG G 48 -20.57 -36.06 -11.14
CA ARG G 48 -21.86 -36.59 -10.68
C ARG G 48 -22.21 -36.25 -9.21
N GLU G 49 -21.22 -35.78 -8.40
CA GLU G 49 -21.42 -35.44 -6.99
C GLU G 49 -21.39 -33.91 -6.68
N ILE G 50 -20.87 -33.05 -7.58
CA ILE G 50 -20.77 -31.61 -7.34
C ILE G 50 -21.92 -30.86 -8.01
N PRO G 51 -22.85 -30.25 -7.24
CA PRO G 51 -23.95 -29.50 -7.88
C PRO G 51 -23.51 -28.13 -8.41
N SER G 52 -24.31 -27.57 -9.32
CA SER G 52 -24.01 -26.32 -10.05
C SER G 52 -23.70 -25.11 -9.17
N HIS G 53 -24.40 -24.91 -8.05
CA HIS G 53 -24.10 -23.76 -7.17
C HIS G 53 -22.70 -23.86 -6.57
N VAL G 54 -22.18 -25.09 -6.39
CA VAL G 54 -20.84 -25.35 -5.86
C VAL G 54 -19.83 -25.25 -7.01
N LEU G 55 -20.10 -25.92 -8.15
CA LEU G 55 -19.16 -25.94 -9.30
C LEU G 55 -18.95 -24.54 -9.93
N SER G 56 -19.98 -23.68 -9.92
CA SER G 56 -19.82 -22.29 -10.40
C SER G 56 -18.84 -21.55 -9.46
N LYS G 57 -19.00 -21.73 -8.13
CA LYS G 57 -18.12 -21.11 -7.13
C LYS G 57 -16.67 -21.62 -7.27
N VAL G 58 -16.50 -22.92 -7.60
CA VAL G 58 -15.17 -23.49 -7.83
C VAL G 58 -14.50 -22.80 -9.04
N CYS G 59 -15.26 -22.56 -10.13
CA CYS G 59 -14.74 -21.87 -11.32
C CYS G 59 -14.34 -20.42 -11.01
N MET G 60 -15.06 -19.74 -10.09
CA MET G 60 -14.71 -18.38 -9.68
C MET G 60 -13.38 -18.43 -8.93
N TYR G 61 -13.16 -19.49 -8.13
CA TYR G 61 -11.88 -19.65 -7.42
C TYR G 61 -10.74 -19.83 -8.45
N PHE G 62 -10.96 -20.63 -9.51
CA PHE G 62 -9.91 -20.83 -10.54
C PHE G 62 -9.49 -19.50 -11.17
N THR G 63 -10.44 -18.61 -11.48
CA THR G 63 -10.16 -17.28 -12.05
C THR G 63 -9.40 -16.43 -11.05
N TYR G 64 -9.87 -16.44 -9.79
CA TYR G 64 -9.27 -15.72 -8.69
C TYR G 64 -7.80 -16.17 -8.47
N LYS G 65 -7.58 -17.49 -8.43
CA LYS G 65 -6.23 -18.08 -8.28
C LYS G 65 -5.29 -17.59 -9.38
N VAL G 66 -5.70 -17.73 -10.64
CA VAL G 66 -4.84 -17.34 -11.78
C VAL G 66 -4.59 -15.84 -11.82
N ARG G 67 -5.62 -15.03 -11.51
CA ARG G 67 -5.43 -13.58 -11.53
C ARG G 67 -4.52 -13.05 -10.42
N TYR G 68 -4.66 -13.57 -9.18
CA TYR G 68 -3.94 -13.02 -8.03
C TYR G 68 -2.68 -13.75 -7.59
N THR G 69 -2.36 -14.97 -8.08
CA THR G 69 -1.12 -15.65 -7.67
C THR G 69 0.09 -14.90 -8.28
N ASN G 70 1.09 -14.57 -7.45
CA ASN G 70 2.30 -13.82 -7.83
C ASN G 70 1.96 -12.41 -8.36
N SER G 71 0.84 -11.82 -7.87
CA SER G 71 0.37 -10.51 -8.31
C SER G 71 0.89 -9.41 -7.40
N SER G 72 0.92 -8.17 -7.93
CA SER G 72 1.34 -6.96 -7.19
C SER G 72 0.15 -6.06 -6.83
N THR G 73 -1.05 -6.29 -7.42
CA THR G 73 -2.26 -5.56 -7.04
C THR G 73 -2.71 -6.11 -5.69
N GLU G 74 -3.53 -5.34 -4.95
CA GLU G 74 -4.01 -5.79 -3.63
C GLU G 74 -4.78 -7.08 -3.82
N ILE G 75 -4.57 -8.07 -2.93
CA ILE G 75 -5.29 -9.36 -3.05
C ILE G 75 -6.57 -9.28 -2.21
N PRO G 76 -7.76 -9.32 -2.83
CA PRO G 76 -8.99 -9.30 -2.04
C PRO G 76 -9.28 -10.67 -1.43
N GLU G 77 -10.16 -10.71 -0.43
CA GLU G 77 -10.56 -11.98 0.19
C GLU G 77 -11.42 -12.77 -0.80
N PHE G 78 -11.29 -14.10 -0.84
CA PHE G 78 -12.18 -14.93 -1.64
C PHE G 78 -13.43 -15.09 -0.75
N PRO G 79 -14.62 -14.55 -1.14
CA PRO G 79 -15.79 -14.63 -0.24
C PRO G 79 -16.51 -15.96 -0.34
N ILE G 80 -16.99 -16.49 0.79
CA ILE G 80 -17.76 -17.73 0.83
C ILE G 80 -18.97 -17.49 1.74
N ALA G 81 -20.20 -17.66 1.21
CA ALA G 81 -21.40 -17.49 2.02
C ALA G 81 -21.50 -18.66 3.00
N PRO G 82 -21.99 -18.45 4.24
CA PRO G 82 -22.11 -19.59 5.19
C PRO G 82 -22.92 -20.79 4.67
N GLU G 83 -23.92 -20.56 3.80
CA GLU G 83 -24.80 -21.62 3.28
C GLU G 83 -24.09 -22.63 2.36
N ILE G 84 -23.05 -22.20 1.61
CA ILE G 84 -22.32 -23.07 0.68
C ILE G 84 -20.99 -23.63 1.27
N ALA G 85 -20.46 -23.02 2.35
CA ALA G 85 -19.16 -23.38 2.95
C ALA G 85 -18.89 -24.88 3.11
N LEU G 86 -19.84 -25.64 3.69
CA LEU G 86 -19.65 -27.08 3.90
C LEU G 86 -19.56 -27.87 2.59
N GLU G 87 -20.43 -27.60 1.61
CA GLU G 87 -20.37 -28.30 0.32
C GLU G 87 -19.11 -27.91 -0.48
N LEU G 88 -18.75 -26.61 -0.48
CA LEU G 88 -17.56 -26.12 -1.18
C LEU G 88 -16.29 -26.73 -0.58
N LEU G 89 -16.25 -26.90 0.77
CA LEU G 89 -15.13 -27.55 1.48
C LEU G 89 -14.92 -28.97 0.91
N MET G 90 -16.02 -29.76 0.81
CA MET G 90 -15.97 -31.13 0.28
C MET G 90 -15.54 -31.16 -1.19
N ALA G 91 -16.03 -30.21 -2.00
CA ALA G 91 -15.65 -30.11 -3.41
C ALA G 91 -14.15 -29.79 -3.53
N ALA G 92 -13.67 -28.80 -2.75
CA ALA G 92 -12.24 -28.43 -2.72
C ALA G 92 -11.37 -29.61 -2.26
N ASN G 93 -11.86 -30.36 -1.25
CA ASN G 93 -11.14 -31.53 -0.72
C ASN G 93 -11.00 -32.58 -1.82
N PHE G 94 -12.10 -32.87 -2.53
CA PHE G 94 -12.11 -33.81 -3.64
C PHE G 94 -11.26 -33.31 -4.82
N LEU G 95 -11.41 -32.04 -5.20
CA LEU G 95 -10.71 -31.46 -6.34
C LEU G 95 -9.23 -31.10 -6.13
N ASP G 96 -8.73 -31.05 -4.87
CA ASP G 96 -7.33 -30.72 -4.59
C ASP G 96 -6.97 -29.32 -5.15
N CYS G 97 -7.67 -28.29 -4.65
CA CYS G 97 -7.46 -26.90 -5.05
C CYS G 97 -7.67 -25.94 -3.89
N MET H 1 -8.53 -1.64 -17.47
CA MET H 1 -8.47 -2.74 -16.51
C MET H 1 -9.28 -3.93 -17.01
N ASP H 2 -9.02 -5.13 -16.44
CA ASP H 2 -9.71 -6.37 -16.82
C ASP H 2 -11.04 -6.53 -16.08
N VAL H 3 -12.05 -7.08 -16.77
CA VAL H 3 -13.38 -7.37 -16.21
C VAL H 3 -13.61 -8.87 -16.34
N PHE H 4 -14.22 -9.49 -15.33
CA PHE H 4 -14.43 -10.94 -15.27
C PHE H 4 -15.91 -11.25 -15.34
N LEU H 5 -16.29 -12.08 -16.32
CA LEU H 5 -17.68 -12.35 -16.65
C LEU H 5 -18.07 -13.80 -16.62
N MET H 6 -19.39 -14.03 -16.51
CA MET H 6 -20.05 -15.33 -16.68
C MET H 6 -21.06 -15.07 -17.79
N ILE H 7 -20.84 -15.61 -18.99
CA ILE H 7 -21.79 -15.45 -20.11
C ILE H 7 -22.71 -16.65 -20.00
N ARG H 8 -23.99 -16.43 -19.71
CA ARG H 8 -24.95 -17.48 -19.41
C ARG H 8 -26.12 -17.58 -20.39
N ARG H 9 -26.40 -18.81 -20.82
CA ARG H 9 -27.51 -19.15 -21.72
C ARG H 9 -28.00 -20.54 -21.32
N HIS H 10 -29.31 -20.70 -21.03
CA HIS H 10 -29.91 -21.99 -20.67
C HIS H 10 -29.11 -22.64 -19.50
N LYS H 11 -28.44 -23.81 -19.73
CA LYS H 11 -27.60 -24.49 -18.74
C LYS H 11 -26.10 -24.39 -19.12
N THR H 12 -25.71 -23.37 -19.91
CA THR H 12 -24.32 -23.14 -20.32
C THR H 12 -23.83 -21.83 -19.66
N THR H 13 -22.64 -21.87 -19.07
CA THR H 13 -21.99 -20.71 -18.43
C THR H 13 -20.55 -20.64 -18.93
N ILE H 14 -20.19 -19.58 -19.66
CA ILE H 14 -18.80 -19.38 -20.11
C ILE H 14 -18.12 -18.44 -19.13
N PHE H 15 -16.99 -18.86 -18.53
CA PHE H 15 -16.19 -17.97 -17.68
C PHE H 15 -15.17 -17.31 -18.57
N THR H 16 -15.19 -15.99 -18.66
CA THR H 16 -14.19 -15.30 -19.47
C THR H 16 -13.91 -13.92 -18.94
N ASP H 17 -12.90 -13.29 -19.52
CA ASP H 17 -12.51 -11.95 -19.14
C ASP H 17 -12.22 -11.13 -20.37
N ALA H 18 -12.26 -9.82 -20.19
CA ALA H 18 -12.02 -8.88 -21.28
C ALA H 18 -11.58 -7.58 -20.67
N LYS H 19 -11.21 -6.61 -21.49
CA LYS H 19 -10.81 -5.30 -20.98
C LYS H 19 -12.08 -4.49 -20.78
N GLU H 20 -12.03 -3.51 -19.88
CA GLU H 20 -13.14 -2.57 -19.64
C GLU H 20 -13.38 -1.72 -20.92
N SER H 21 -12.31 -1.41 -21.67
CA SER H 21 -12.39 -0.63 -22.91
C SER H 21 -12.84 -1.44 -24.14
N SER H 22 -12.89 -2.79 -24.03
CA SER H 22 -13.32 -3.64 -25.15
C SER H 22 -14.83 -3.49 -25.34
N THR H 23 -15.33 -3.78 -26.54
CA THR H 23 -16.74 -3.63 -26.87
C THR H 23 -17.57 -4.90 -26.70
N VAL H 24 -18.89 -4.71 -26.69
CA VAL H 24 -19.89 -5.78 -26.64
C VAL H 24 -19.71 -6.66 -27.90
N PHE H 25 -19.43 -6.05 -29.07
CA PHE H 25 -19.19 -6.80 -30.32
C PHE H 25 -17.97 -7.73 -30.17
N GLU H 26 -16.89 -7.23 -29.54
CA GLU H 26 -15.68 -8.03 -29.31
C GLU H 26 -15.99 -9.19 -28.34
N LEU H 27 -16.94 -8.99 -27.40
CA LEU H 27 -17.37 -10.06 -26.48
C LEU H 27 -18.18 -11.12 -27.26
N LYS H 28 -18.97 -10.69 -28.27
CA LYS H 28 -19.71 -11.62 -29.13
C LYS H 28 -18.72 -12.47 -29.97
N ARG H 29 -17.55 -11.91 -30.36
CA ARG H 29 -16.51 -12.65 -31.10
C ARG H 29 -15.87 -13.72 -30.20
N ILE H 30 -15.78 -13.49 -28.87
CA ILE H 30 -15.26 -14.48 -27.93
C ILE H 30 -16.28 -15.63 -27.87
N VAL H 31 -17.57 -15.33 -27.74
CA VAL H 31 -18.65 -16.33 -27.73
C VAL H 31 -18.62 -17.12 -29.05
N GLU H 32 -18.42 -16.43 -30.19
CA GLU H 32 -18.35 -17.07 -31.51
C GLU H 32 -17.24 -18.12 -31.56
N GLY H 33 -16.06 -17.81 -31.02
CA GLY H 33 -14.95 -18.75 -31.01
C GLY H 33 -15.21 -19.99 -30.17
N ILE H 34 -16.00 -19.84 -29.08
CA ILE H 34 -16.32 -20.96 -28.18
C ILE H 34 -17.54 -21.77 -28.70
N LEU H 35 -18.70 -21.09 -28.94
CA LEU H 35 -19.96 -21.75 -29.32
C LEU H 35 -20.29 -21.74 -30.84
N LYS H 36 -19.41 -21.20 -31.69
CA LYS H 36 -19.54 -21.24 -33.16
C LYS H 36 -20.86 -20.65 -33.71
N ARG H 37 -21.29 -19.53 -33.15
CA ARG H 37 -22.47 -18.79 -33.61
C ARG H 37 -22.05 -17.34 -33.79
N PRO H 38 -22.20 -16.75 -34.99
CA PRO H 38 -21.69 -15.37 -35.20
C PRO H 38 -22.37 -14.27 -34.42
N PRO H 39 -21.75 -13.08 -34.29
CA PRO H 39 -22.37 -11.99 -33.52
C PRO H 39 -23.77 -11.60 -33.97
N ASP H 40 -24.10 -11.67 -35.28
CA ASP H 40 -25.44 -11.35 -35.74
C ASP H 40 -26.52 -12.35 -35.26
N GLU H 41 -26.10 -13.53 -34.75
CA GLU H 41 -27.00 -14.53 -34.16
C GLU H 41 -27.00 -14.46 -32.62
N GLN H 42 -26.43 -13.39 -32.02
CA GLN H 42 -26.34 -13.24 -30.57
C GLN H 42 -26.92 -11.95 -30.06
N ARG H 43 -27.55 -12.02 -28.89
CA ARG H 43 -28.01 -10.86 -28.14
C ARG H 43 -27.38 -11.01 -26.76
N LEU H 44 -26.72 -9.97 -26.28
CA LEU H 44 -26.08 -9.99 -24.96
C LEU H 44 -26.85 -9.02 -24.06
N TYR H 45 -27.02 -9.40 -22.79
CA TYR H 45 -27.80 -8.63 -21.83
C TYR H 45 -27.10 -8.42 -20.51
N LYS H 46 -27.43 -7.31 -19.83
CA LYS H 46 -27.03 -7.02 -18.46
C LYS H 46 -28.38 -6.96 -17.76
N ASP H 47 -28.74 -8.02 -17.02
CA ASP H 47 -30.07 -8.20 -16.40
C ASP H 47 -31.10 -8.31 -17.56
N ASP H 48 -32.06 -7.38 -17.69
CA ASP H 48 -33.02 -7.43 -18.80
C ASP H 48 -32.67 -6.41 -19.90
N GLN H 49 -31.55 -5.66 -19.76
CA GLN H 49 -31.16 -4.61 -20.70
C GLN H 49 -30.34 -5.16 -21.88
N LEU H 50 -30.82 -5.02 -23.13
CA LEU H 50 -30.08 -5.44 -24.32
C LEU H 50 -28.84 -4.54 -24.48
N LEU H 51 -27.67 -5.14 -24.65
CA LEU H 51 -26.40 -4.40 -24.80
C LEU H 51 -26.08 -4.13 -26.27
N ASP H 52 -25.82 -2.85 -26.61
CA ASP H 52 -25.50 -2.45 -27.98
C ASP H 52 -24.04 -2.81 -28.30
N ASP H 53 -23.80 -3.25 -29.55
CA ASP H 53 -22.50 -3.70 -30.08
C ASP H 53 -21.33 -2.71 -29.96
N GLY H 54 -21.58 -1.43 -30.20
CA GLY H 54 -20.53 -0.41 -30.15
C GLY H 54 -20.13 0.08 -28.76
N LYS H 55 -20.97 -0.16 -27.73
CA LYS H 55 -20.65 0.27 -26.35
C LYS H 55 -19.50 -0.55 -25.75
N THR H 56 -18.65 0.08 -24.92
CA THR H 56 -17.57 -0.61 -24.23
C THR H 56 -18.18 -1.33 -23.02
N LEU H 57 -17.47 -2.33 -22.48
CA LEU H 57 -17.98 -3.07 -21.32
C LEU H 57 -18.06 -2.15 -20.09
N GLY H 58 -17.16 -1.17 -19.98
CA GLY H 58 -17.19 -0.15 -18.94
C GLY H 58 -18.43 0.71 -19.05
N GLU H 59 -18.83 1.09 -20.29
CA GLU H 59 -20.05 1.88 -20.53
C GLU H 59 -21.32 1.08 -20.20
N CYS H 60 -21.28 -0.27 -20.26
CA CYS H 60 -22.40 -1.14 -19.88
C CYS H 60 -22.51 -1.33 -18.36
N GLY H 61 -21.48 -0.90 -17.59
CA GLY H 61 -21.44 -1.05 -16.14
C GLY H 61 -20.55 -2.18 -15.64
N PHE H 62 -19.76 -2.81 -16.53
CA PHE H 62 -18.83 -3.88 -16.15
C PHE H 62 -17.48 -3.24 -15.83
N THR H 63 -17.13 -3.12 -14.54
CA THR H 63 -15.88 -2.50 -14.11
C THR H 63 -15.15 -3.44 -13.17
N SER H 64 -13.95 -3.04 -12.75
CA SER H 64 -13.15 -3.82 -11.80
C SER H 64 -13.85 -3.99 -10.44
N GLN H 65 -14.78 -3.09 -10.09
CA GLN H 65 -15.54 -3.17 -8.84
C GLN H 65 -16.76 -4.10 -8.96
N THR H 66 -17.43 -4.13 -10.12
CA THR H 66 -18.63 -4.96 -10.31
C THR H 66 -18.41 -6.29 -11.03
N ALA H 67 -17.23 -6.51 -11.63
CA ALA H 67 -16.94 -7.73 -12.42
C ALA H 67 -15.55 -8.24 -12.00
N ARG H 68 -15.49 -8.86 -10.82
CA ARG H 68 -14.25 -9.32 -10.17
C ARG H 68 -13.94 -10.79 -10.43
N PRO H 69 -12.67 -11.22 -10.40
CA PRO H 69 -12.38 -12.67 -10.62
C PRO H 69 -13.20 -13.59 -9.72
N GLN H 70 -13.24 -13.26 -8.41
CA GLN H 70 -13.97 -14.03 -7.39
C GLN H 70 -15.50 -13.80 -7.37
N ALA H 71 -15.99 -12.76 -8.04
CA ALA H 71 -17.42 -12.41 -8.08
C ALA H 71 -17.72 -11.82 -9.47
N PRO H 72 -17.67 -12.65 -10.53
CA PRO H 72 -17.84 -12.12 -11.89
C PRO H 72 -19.25 -11.63 -12.16
N ALA H 73 -19.38 -10.68 -13.11
CA ALA H 73 -20.68 -10.14 -13.50
C ALA H 73 -21.33 -11.07 -14.51
N THR H 74 -22.65 -11.21 -14.47
CA THR H 74 -23.37 -12.08 -15.41
C THR H 74 -23.75 -11.31 -16.65
N VAL H 75 -23.52 -11.94 -17.81
CA VAL H 75 -23.92 -11.42 -19.12
C VAL H 75 -24.89 -12.48 -19.65
N GLY H 76 -26.16 -12.13 -19.81
CA GLY H 76 -27.15 -13.04 -20.37
C GLY H 76 -26.93 -13.16 -21.86
N LEU H 77 -27.17 -14.34 -22.45
CA LEU H 77 -26.97 -14.59 -23.87
C LEU H 77 -28.20 -15.31 -24.45
N ALA H 78 -28.73 -14.81 -25.57
CA ALA H 78 -29.86 -15.40 -26.30
C ALA H 78 -29.40 -15.52 -27.75
N PHE H 79 -29.71 -16.65 -28.39
CA PHE H 79 -29.33 -16.91 -29.78
C PHE H 79 -30.49 -16.74 -30.73
N ARG H 80 -30.18 -16.49 -32.00
CA ARG H 80 -31.18 -16.33 -33.05
C ARG H 80 -31.75 -17.70 -33.40
N ALA H 81 -33.07 -17.85 -33.29
CA ALA H 81 -33.78 -19.10 -33.58
C ALA H 81 -34.59 -18.97 -34.89
N ASP H 82 -33.94 -19.25 -36.03
CA ASP H 82 -34.58 -19.20 -37.37
C ASP H 82 -35.26 -17.85 -37.64
N ASP H 83 -34.43 -16.81 -37.90
CA ASP H 83 -34.80 -15.41 -38.14
C ASP H 83 -35.18 -14.66 -36.84
N THR H 84 -36.09 -15.19 -36.01
CA THR H 84 -36.50 -14.52 -34.77
C THR H 84 -35.59 -14.98 -33.62
N PHE H 85 -35.48 -14.19 -32.54
CA PHE H 85 -34.64 -14.55 -31.40
C PHE H 85 -35.39 -15.33 -30.33
N GLU H 86 -34.69 -16.28 -29.68
CA GLU H 86 -35.27 -17.02 -28.57
C GLU H 86 -35.37 -16.05 -27.38
N ALA H 87 -36.27 -16.32 -26.42
CA ALA H 87 -36.38 -15.47 -25.24
C ALA H 87 -35.15 -15.71 -24.36
N LEU H 88 -34.64 -14.66 -23.69
CA LEU H 88 -33.49 -14.81 -22.80
C LEU H 88 -33.93 -15.76 -21.69
N CYS H 89 -33.18 -16.85 -21.52
CA CYS H 89 -33.50 -17.87 -20.54
C CYS H 89 -32.21 -18.36 -19.89
N ILE H 90 -32.05 -18.12 -18.58
CA ILE H 90 -30.90 -18.56 -17.81
C ILE H 90 -31.46 -19.50 -16.74
N GLU H 91 -31.06 -20.77 -16.77
CA GLU H 91 -31.51 -21.76 -15.81
C GLU H 91 -30.77 -21.47 -14.50
N PRO H 92 -31.48 -21.29 -13.36
CA PRO H 92 -30.75 -21.00 -12.11
C PRO H 92 -29.91 -22.18 -11.63
N PHE H 93 -28.90 -21.89 -10.83
CA PHE H 93 -28.06 -22.94 -10.27
C PHE H 93 -28.89 -23.61 -9.17
N SER H 94 -28.39 -24.74 -8.64
CA SER H 94 -29.07 -25.46 -7.57
C SER H 94 -29.02 -24.63 -6.27
N SER H 95 -29.69 -25.09 -5.20
CA SER H 95 -29.70 -24.39 -3.92
C SER H 95 -28.99 -25.19 -2.86
N PRO H 96 -28.29 -24.54 -1.90
CA PRO H 96 -27.64 -25.31 -0.83
C PRO H 96 -28.68 -25.80 0.17
N PRO H 97 -28.34 -26.77 1.06
CA PRO H 97 -29.31 -27.19 2.08
C PRO H 97 -29.54 -26.12 3.14
N GLU H 98 -30.43 -26.38 4.11
CA GLU H 98 -30.72 -25.43 5.17
C GLU H 98 -29.50 -25.31 6.10
N LEU H 99 -29.23 -24.11 6.61
CA LEU H 99 -28.06 -23.86 7.46
C LEU H 99 -28.18 -24.65 8.77
N PRO H 100 -27.18 -25.49 9.16
CA PRO H 100 -27.32 -26.26 10.41
C PRO H 100 -27.46 -25.41 11.68
N ASP H 101 -27.96 -26.03 12.75
CA ASP H 101 -28.16 -25.36 14.05
C ASP H 101 -26.83 -24.89 14.67
N VAL H 102 -25.75 -25.66 14.46
CA VAL H 102 -24.42 -25.33 14.98
C VAL H 102 -23.83 -24.07 14.30
N MET H 103 -24.10 -23.88 13.00
CA MET H 103 -23.61 -22.69 12.26
C MET H 103 -24.44 -21.45 12.58
N1 FWZ I . 20.92 -2.57 -16.56
C4 FWZ I . 18.68 -1.87 -16.19
C5 FWZ I . 19.15 0.51 -17.98
C6 FWZ I . 21.57 -0.04 -18.10
C7 FWZ I . 19.90 -1.59 -19.09
C10 FWZ I . 16.62 -1.68 -14.96
C13 FWZ I . 18.22 0.14 -14.68
C15 FWZ I . 15.67 -1.93 -16.12
C20 FWZ I . 11.46 -2.19 -17.47
C21 FWZ I . 10.27 -1.57 -17.13
C22 FWZ I . 10.02 -1.20 -15.81
C24 FWZ I . 12.18 -2.02 -15.20
C26 FWZ I . 7.43 -1.07 -15.66
C28 FWZ I . 6.95 0.69 -14.42
C2 FWZ I . 20.09 -1.39 -16.56
C3 FWZ I . 20.17 -0.64 -17.93
N8 FWZ I . 17.94 -1.15 -15.33
O9 FWZ I . 18.26 -2.91 -16.67
C11 FWZ I . 16.04 -0.59 -14.05
C12 FWZ I . 17.27 0.12 -13.49
O14 FWZ I . 17.83 -0.67 -12.45
O16 FWZ I . 15.73 -1.25 -17.13
N17 FWZ I . 14.81 -2.93 -15.96
C18 FWZ I . 13.70 -3.17 -16.88
C19 FWZ I . 12.44 -2.44 -16.50
C23 FWZ I . 11.00 -1.42 -14.85
C25 FWZ I . 8.71 -0.62 -15.43
N27 FWZ I . 6.44 -0.31 -15.06
S29 FWZ I . 8.66 0.83 -14.46
C30 FWZ I . 7.03 -2.24 -16.50
C31 FWZ I . 22.00 -2.79 -15.81
C32 FWZ I . 22.74 -4.10 -16.05
O33 FWZ I . 22.43 -2.02 -14.95
F34 FWZ I . 22.11 -4.90 -17.03
C35 FWZ I . 24.21 -4.12 -16.10
C36 FWZ I . 23.47 -4.86 -15.01
O37 FWZ I . 11.80 -2.57 -18.75
C38 FWZ I . 10.91 -2.34 -19.85
C39 FWZ I . 10.99 -0.89 -20.30
C40 FWZ I . 16.06 0.67 -22.72
N41 FWZ I . 16.85 -0.55 -22.94
C42 FWZ I . 18.24 -0.43 -22.47
C43 FWZ I . 19.16 -1.41 -23.19
N44 FWZ I . 18.45 -2.64 -23.58
C45 FWZ I . 17.30 -2.39 -24.46
C46 FWZ I . 16.83 -0.96 -24.34
C47 FWZ I . 19.23 -3.80 -23.82
C48 FWZ I . 19.52 -4.29 -25.09
C49 FWZ I . 20.30 -5.44 -25.22
N50 FWZ I . 20.82 -6.04 -24.13
N51 FWZ I . 20.57 -5.56 -22.90
C52 FWZ I . 19.78 -4.49 -22.70
N53 FWZ I . 19.57 -4.13 -21.41
C54 FWZ I . 20.58 -6.09 -26.52
C55 FWZ I . 21.35 -7.26 -26.61
C56 FWZ I . 21.60 -7.86 -27.87
C57 FWZ I . 21.07 -7.30 -29.01
C58 FWZ I . 20.32 -6.15 -28.94
C59 FWZ I . 20.07 -5.55 -27.72
O60 FWZ I . 21.91 -7.92 -25.57
C61 FWZ I . 12.31 -0.52 -20.94
C62 FWZ I . 12.42 -0.35 -22.31
C63 FWZ I . 13.61 0.08 -22.88
C64 FWZ I . 14.73 0.34 -22.09
C65 FWZ I . 14.62 0.16 -20.72
C66 FWZ I . 13.43 -0.27 -20.15
H1 FWZ I . 20.59 -3.33 -17.14
H2 FWZ I . 19.29 1.14 -18.86
H3 FWZ I . 19.25 1.17 -17.13
H4 FWZ I . 18.12 0.16 -17.99
H5 FWZ I . 21.64 0.57 -18.99
H6 FWZ I . 22.33 -0.82 -18.20
H7 FWZ I . 21.87 0.58 -17.26
H8 FWZ I . 18.89 -1.98 -19.07
H9 FWZ I . 20.56 -2.45 -19.13
H10 FWZ I . 20.01 -1.09 -20.06
H11 FWZ I . 16.78 -2.60 -14.41
H12 FWZ I . 17.98 0.98 -15.33
H13 FWZ I . 19.26 0.27 -14.40
H14 FWZ I . 9.48 -1.33 -17.84
H15 FWZ I . 12.93 -2.20 -14.42
H16 FWZ I . 6.34 1.42 -13.88
H17 FWZ I . 20.48 -0.69 -15.83
H18 FWZ I . 15.42 -1.03 -13.28
H19 FWZ I . 15.39 0.12 -14.58
H20 FWZ I . 17.03 1.12 -13.12
H21 FWZ I . 18.66 -0.21 -12.17
H22 FWZ I . 14.87 -3.56 -15.17
H23 FWZ I . 13.44 -4.23 -16.93
H24 FWZ I . 14.02 -2.93 -17.90
H25 FWZ I . 10.82 -1.12 -13.82
H26 FWZ I . 5.94 -2.34 -16.51
H27 FWZ I . 7.43 -3.17 -16.10
H28 FWZ I . 7.36 -2.13 -17.53
H29 FWZ I . 24.79 -3.22 -15.87
H30 FWZ I . 24.72 -4.66 -16.91
H31 FWZ I . 23.45 -5.95 -15.00
H32 FWZ I . 23.49 -4.51 -13.99
H33 FWZ I . 11.22 -2.98 -20.69
H34 FWZ I . 9.89 -2.62 -19.62
H35 FWZ I . 10.79 -0.21 -19.48
H36 FWZ I . 10.19 -0.68 -21.01
H37 FWZ I . 15.90 1.28 -23.61
H38 FWZ I . 16.59 1.31 -22.03
H40 FWZ I . 18.34 -0.53 -21.40
H41 FWZ I . 18.61 0.58 -22.67
H42 FWZ I . 19.99 -1.68 -22.52
H43 FWZ I . 19.65 -0.92 -24.04
H44 FWZ I . 16.49 -3.02 -24.07
H45 FWZ I . 17.41 -2.66 -25.50
H46 FWZ I . 17.47 -0.32 -24.94
H47 FWZ I . 15.85 -0.86 -24.79
H48 FWZ I . 19.19 -3.73 -25.97
H49 FWZ I . 18.96 -3.36 -21.17
H50 FWZ I . 20.03 -4.61 -20.64
H51 FWZ I . 22.20 -8.76 -27.92
H52 FWZ I . 21.22 -7.79 -29.98
H53 FWZ I . 19.92 -5.69 -29.85
H54 FWZ I . 19.45 -4.66 -27.72
H55 FWZ I . 21.72 -7.49 -24.68
H56 FWZ I . 11.57 -0.56 -22.95
H57 FWZ I . 13.66 0.22 -23.96
H58 FWZ I . 15.48 0.35 -20.07
H59 FWZ I . 13.38 -0.41 -19.08
S DMS J . 10.47 -5.88 -16.07
O DMS J . 10.60 -4.81 -15.09
C1 DMS J . 10.15 -7.36 -15.15
C2 DMS J . 8.86 -5.69 -16.78
S DMS K . 10.93 -1.20 23.73
O DMS K . 11.47 -0.35 22.67
C1 DMS K . 9.19 -0.93 23.69
C2 DMS K . 11.01 -2.81 23.07
N1 FWZ L . 15.90 -4.90 20.77
C4 FWZ L . 13.69 -4.75 19.89
C5 FWZ L . 12.87 -7.11 21.62
C6 FWZ L . 15.25 -7.45 22.27
C7 FWZ L . 14.05 -5.40 22.97
C10 FWZ L . 12.06 -4.21 18.20
C13 FWZ L . 12.87 -6.50 18.21
C15 FWZ L . 11.01 -3.59 19.14
C20 FWZ L . 7.01 -1.80 19.51
C21 FWZ L . 5.78 -1.96 18.87
C22 FWZ L . 5.74 -2.26 17.51
C24 FWZ L . 8.14 -2.27 17.47
C26 FWZ L . 3.41 -1.43 16.75
C28 FWZ L . 2.58 -2.97 15.40
C2 FWZ L . 14.71 -5.71 20.52
C3 FWZ L . 14.22 -6.40 21.83
N8 FWZ L . 12.95 -5.18 18.83
O9 FWZ L . 13.59 -3.62 20.32
C11 FWZ L . 11.35 -5.02 17.10
C12 FWZ L . 12.29 -6.18 16.83
O14 FWZ L . 13.34 -5.74 15.96
O16 FWZ L . 10.56 -4.23 20.07
N17 FWZ L . 10.63 -2.35 18.84
C18 FWZ L . 9.53 -1.68 19.52
C19 FWZ L . 8.21 -1.94 18.81
C23 FWZ L . 6.94 -2.45 16.82
C25 FWZ L . 4.45 -2.32 16.79
N27 FWZ L . 2.36 -1.81 15.94
S29 FWZ L . 4.08 -3.71 15.79
C30 FWZ L . 3.32 -0.13 17.47
C31 FWZ L . 17.13 -5.07 20.28
C32 FWZ L . 18.17 -4.05 20.73
O33 FWZ L . 17.47 -5.96 19.52
F34 FWZ L . 17.62 -3.10 21.61
C35 FWZ L . 19.52 -4.52 21.07
C36 FWZ L . 19.31 -3.58 19.92
O37 FWZ L . 7.15 -1.51 20.86
C38 FWZ L . 6.00 -1.38 21.72
C39 FWZ L . 5.51 -2.76 22.14
C40 FWZ L . 9.09 -5.73 25.65
N41 FWZ L . 10.21 -4.92 26.16
C42 FWZ L . 11.51 -5.49 25.78
C43 FWZ L . 12.64 -4.92 26.65
N44 FWZ L . 12.26 -3.60 27.17
C45 FWZ L . 11.17 -3.79 28.13
C46 FWZ L . 10.12 -4.77 27.61
C47 FWZ L . 13.34 -2.70 27.54
C48 FWZ L . 13.52 -2.21 28.83
C49 FWZ L . 14.61 -1.38 29.12
N50 FWZ L . 15.50 -1.06 28.17
N51 FWZ L . 15.34 -1.51 26.92
C52 FWZ L . 14.31 -2.29 26.57
N53 FWZ L . 14.22 -2.53 25.25
C54 FWZ L . 14.85 -0.77 30.47
C55 FWZ L . 15.96 0.05 30.72
C56 FWZ L . 16.15 0.62 31.98
C57 FWZ L . 15.25 0.35 33.01
C58 FWZ L . 14.18 -0.47 32.77
C59 FWZ L . 13.97 -1.03 31.52
O60 FWZ L . 16.92 0.37 29.81
C61 FWZ L . 6.47 -3.49 23.04
C62 FWZ L . 6.26 -3.51 24.42
C63 FWZ L . 7.11 -4.23 25.26
C64 FWZ L . 8.18 -4.96 24.74
C65 FWZ L . 8.38 -4.94 23.37
C66 FWZ L . 7.54 -4.21 22.53
H1 FWZ L . 15.73 -4.08 21.33
H2 FWZ L . 12.60 -7.74 22.46
H3 FWZ L . 12.90 -7.77 20.76
H4 FWZ L . 12.05 -6.41 21.46
H5 FWZ L . 14.92 -8.03 23.13
H6 FWZ L . 16.19 -6.99 22.55
H7 FWZ L . 15.48 -8.16 21.47
H8 FWZ L . 13.29 -4.66 22.76
H9 FWZ L . 14.95 -4.82 23.21
H10 FWZ L . 13.75 -5.88 23.91
H11 FWZ L . 12.67 -3.42 17.78
H12 FWZ L . 12.19 -7.16 18.74
H13 FWZ L . 13.82 -7.01 18.17
H14 FWZ L . 4.82 -1.87 19.36
H15 FWZ L . 9.06 -2.40 16.89
H16 FWZ L . 1.88 -3.45 14.73
H17 FWZ L . 14.98 -6.52 19.86
H18 FWZ L . 11.18 -4.40 16.23
H19 FWZ L . 10.36 -5.38 17.40
H20 FWZ L . 11.77 -7.03 16.40
H21 FWZ L . 13.96 -6.52 15.88
H22 FWZ L . 11.10 -1.82 18.12
H23 FWZ L . 9.69 -0.61 19.58
H24 FWZ L . 9.48 -2.01 20.55
H25 FWZ L . 6.92 -2.74 15.77
H26 FWZ L . 2.39 0.37 17.23
H27 FWZ L . 4.14 0.54 17.21
H28 FWZ L . 3.34 -0.26 18.55
H29 FWZ L . 19.82 -5.55 20.89
H30 FWZ L . 20.00 -4.19 21.98
H31 FWZ L . 19.64 -2.54 20.00
H32 FWZ L . 19.45 -3.91 18.89
H33 FWZ L . 6.29 -0.83 22.62
H34 FWZ L . 5.20 -0.80 21.25
H35 FWZ L . 5.30 -3.37 21.25
H36 FWZ L . 4.55 -2.67 22.62
H37 FWZ L . 8.49 -6.21 26.42
H38 FWZ L . 9.49 -6.57 25.06
H40 FWZ L . 11.75 -5.36 24.73
H41 FWZ L . 11.51 -6.57 25.94
H42 FWZ L . 13.56 -4.87 26.07
H43 FWZ L . 12.87 -5.62 27.45
H44 FWZ L . 10.72 -2.83 28.37
H45 FWZ L . 11.53 -4.19 29.09
H46 FWZ L . 10.29 -5.74 28.08
H47 FWZ L . 9.13 -4.47 27.96
H48 FWZ L . 12.81 -2.47 29.62
H49 FWZ L . 13.41 -2.99 24.85
H50 FWZ L . 14.97 -2.29 24.61
H51 FWZ L . 17.00 1.27 32.15
H52 FWZ L . 15.39 0.82 33.98
H53 FWZ L . 13.48 -0.70 33.59
H54 FWZ L . 13.10 -1.67 31.41
H55 FWZ L . 16.78 -0.03 28.91
H56 FWZ L . 5.43 -2.95 24.85
H57 FWZ L . 6.92 -4.23 26.33
H58 FWZ L . 9.20 -5.50 22.93
H59 FWZ L . 7.73 -4.20 21.46
C1 EDO M . 1.42 -15.33 -3.81
O1 EDO M . 0.50 -14.43 -4.42
C2 EDO M . 0.74 -16.67 -3.48
O2 EDO M . -0.22 -16.45 -2.45
C1 EDO N . -35.49 -9.72 -22.53
O1 EDO N . -35.00 -10.29 -21.33
C2 EDO N . -35.49 -10.76 -23.66
O2 EDO N . -36.25 -11.90 -23.28
#